data_4P04
#
_entry.id   4P04
#
_cell.length_a   181.486
_cell.length_b   181.486
_cell.length_c   99.602
_cell.angle_alpha   90.00
_cell.angle_beta   90.00
_cell.angle_gamma   120.00
#
_symmetry.space_group_name_H-M   'P 32 1 2'
#
loop_
_entity.id
_entity.type
_entity.pdbx_description
1 polymer 'Arylsulfate sulfotransferase AssT'
2 non-polymer '3[N-MORPHOLINO]PROPANE SULFONIC ACID'
3 non-polymer 'SULFATE ION'
4 water water
#
_entity_poly.entity_id   1
_entity_poly.type   'polypeptide(L)'
_entity_poly.pdbx_seq_one_letter_code
;AGFKPAPPAGQLGAVIVDPYGNAPLTALVDLDSHVISDVKVTVHGKGEKGVEISYPVGQESLKTYDGVPIFGLYQKFANK
VTVEWKENGKVMKDDYVVHTSAIVNNYMDNRSISDLQQTKVIKVAPGFEDRLYLVNTHTFTAQGSDLHWHGEKDKNAGIL
DAGPATGALPFDIAPFTFIVDTEGEYRWWLDQDTFYDGRDRDINKRGYLMGIRETPRGTFTAVQGQHWYEFDMMGQVLED
HKLPRGFADATHESIETPNGTVLLRVGKSNYRRDDGVHVTTIRDHILEVDKSGRVVDVWDLTKILDPKRDALLGALDAGA
VCVNVDLAHAGQQAKLEPDTPFGDALGVGPGRNWAHVNSIAYDAKDDSIILSSRHQGVVKIGRDKQVKWILAPSKGWEKP
LASKLLKPVDANGKPITCNENGLCENSDFDFTYTQNTAWISSKGTLTIFDNGDGRHLEQPALPTMKYSRFVEYKIDEKKG
TVQQVWEYGKERGYDFYSPITSIIEYQADRNTMFGFGGSIHLFDVGQPTVGKLNEIDYKTKEVKVEIDVLSDKPNQTHYR
ALLVRPQQMFK
;
_entity_poly.pdbx_strand_id   A,B
#
loop_
_chem_comp.id
_chem_comp.type
_chem_comp.name
_chem_comp.formula
MPO non-polymer '3[N-MORPHOLINO]PROPANE SULFONIC ACID' 'C7 H15 N O4 S'
SO4 non-polymer 'SULFATE ION' 'O4 S -2'
#
# COMPACT_ATOMS: atom_id res chain seq x y z
CA ALA A 1 20.05 -31.82 -10.21
C ALA A 1 18.86 -30.99 -10.61
N GLY A 2 19.01 -29.68 -10.47
CA GLY A 2 18.00 -28.74 -10.92
C GLY A 2 18.63 -27.81 -11.94
N PHE A 3 17.80 -27.11 -12.71
CA PHE A 3 18.31 -26.18 -13.70
C PHE A 3 18.87 -24.95 -13.01
N LYS A 4 20.09 -24.60 -13.36
CA LYS A 4 20.75 -23.46 -12.75
C LYS A 4 20.06 -22.16 -13.13
N PRO A 5 20.22 -21.14 -12.30
CA PRO A 5 19.80 -19.79 -12.69
C PRO A 5 20.68 -19.29 -13.83
N ALA A 6 20.39 -18.09 -14.32
CA ALA A 6 21.16 -17.53 -15.40
C ALA A 6 22.45 -17.06 -14.82
N PRO A 7 23.54 -17.29 -15.55
CA PRO A 7 24.89 -16.97 -15.12
C PRO A 7 25.18 -15.52 -15.39
N PRO A 8 26.19 -14.95 -14.73
CA PRO A 8 26.48 -13.53 -14.92
C PRO A 8 26.70 -13.19 -16.38
N ALA A 9 26.37 -11.99 -16.77
CA ALA A 9 26.53 -11.59 -18.15
C ALA A 9 27.85 -10.86 -18.30
N GLY A 10 28.16 -10.03 -17.31
CA GLY A 10 29.37 -9.27 -17.33
C GLY A 10 30.07 -9.34 -15.99
N GLN A 11 30.30 -8.18 -15.40
CA GLN A 11 31.07 -8.09 -14.18
C GLN A 11 30.16 -8.00 -12.96
N LEU A 12 28.88 -8.26 -13.18
CA LEU A 12 27.88 -8.32 -12.11
C LEU A 12 27.06 -9.60 -12.29
N GLY A 13 25.74 -9.51 -12.17
CA GLY A 13 24.91 -10.70 -12.22
C GLY A 13 24.41 -10.99 -13.61
N ALA A 14 23.43 -11.88 -13.70
CA ALA A 14 22.75 -12.13 -14.98
C ALA A 14 21.87 -10.94 -15.36
N VAL A 15 21.48 -10.93 -16.63
CA VAL A 15 20.60 -9.87 -17.14
C VAL A 15 19.23 -10.45 -17.48
N ILE A 16 18.21 -9.95 -16.79
CA ILE A 16 16.90 -10.56 -16.81
C ILE A 16 15.98 -9.77 -17.67
N VAL A 17 15.36 -10.40 -18.66
CA VAL A 17 14.38 -9.70 -19.47
C VAL A 17 13.05 -9.70 -18.73
N ASP A 18 12.44 -8.54 -18.53
CA ASP A 18 11.11 -8.41 -17.94
C ASP A 18 10.99 -9.13 -16.60
N PRO A 19 11.67 -8.64 -15.57
CA PRO A 19 11.77 -9.37 -14.30
C PRO A 19 10.43 -9.57 -13.63
N TYR A 20 9.58 -8.55 -13.65
CA TYR A 20 8.33 -8.61 -12.92
C TYR A 20 7.21 -9.20 -13.76
N GLY A 21 7.44 -9.37 -15.04
CA GLY A 21 6.44 -9.96 -15.92
C GLY A 21 5.44 -9.01 -16.56
N ASN A 22 5.58 -7.72 -16.31
CA ASN A 22 4.61 -6.73 -16.75
C ASN A 22 5.12 -5.77 -17.83
N ALA A 23 6.42 -5.69 -18.01
CA ALA A 23 6.98 -4.77 -18.98
C ALA A 23 8.05 -5.45 -19.82
N PRO A 24 7.62 -6.11 -20.91
CA PRO A 24 8.48 -6.94 -21.75
C PRO A 24 9.67 -6.24 -22.43
N LEU A 25 9.69 -4.91 -22.43
CA LEU A 25 10.80 -4.17 -23.02
C LEU A 25 11.63 -3.53 -21.93
N THR A 26 11.75 -4.26 -20.83
CA THR A 26 12.60 -3.84 -19.74
C THR A 26 13.49 -4.99 -19.36
N ALA A 27 14.54 -4.70 -18.62
CA ALA A 27 15.46 -5.73 -18.18
C ALA A 27 16.09 -5.35 -16.87
N LEU A 28 16.70 -6.32 -16.22
CA LEU A 28 17.34 -6.07 -14.94
C LEU A 28 18.66 -6.77 -14.91
N VAL A 29 19.69 -6.01 -14.56
CA VAL A 29 21.01 -6.58 -14.34
C VAL A 29 21.08 -7.01 -12.88
N ASP A 30 21.05 -8.30 -12.61
CA ASP A 30 21.02 -8.74 -11.21
C ASP A 30 22.28 -8.27 -10.47
N LEU A 31 22.12 -7.92 -9.20
CA LEU A 31 23.19 -7.24 -8.50
C LEU A 31 24.26 -8.19 -7.99
N ASP A 32 23.92 -9.47 -7.90
CA ASP A 32 24.80 -10.54 -7.35
C ASP A 32 25.75 -10.08 -6.24
N SER A 33 25.17 -9.45 -5.22
CA SER A 33 25.85 -9.06 -3.99
C SER A 33 26.99 -8.05 -4.19
N HIS A 34 27.12 -7.52 -5.40
CA HIS A 34 28.08 -6.45 -5.63
C HIS A 34 27.64 -5.15 -4.99
N VAL A 35 28.59 -4.39 -4.45
CA VAL A 35 28.30 -3.06 -3.92
C VAL A 35 28.77 -2.02 -4.91
N ILE A 36 27.86 -1.19 -5.40
CA ILE A 36 28.16 -0.21 -6.46
C ILE A 36 27.47 1.14 -6.18
N SER A 37 27.94 2.26 -6.74
CA SER A 37 27.51 3.57 -6.22
C SER A 37 27.01 4.66 -7.18
N ASP A 38 27.63 4.77 -8.35
CA ASP A 38 27.28 5.81 -9.31
C ASP A 38 26.78 5.21 -10.59
N VAL A 39 25.60 4.63 -10.55
CA VAL A 39 25.14 3.86 -11.68
C VAL A 39 24.57 4.76 -12.78
N LYS A 40 24.74 4.31 -14.02
CA LYS A 40 24.22 4.95 -15.22
C LYS A 40 23.91 3.91 -16.27
N VAL A 41 22.77 4.05 -16.92
CA VAL A 41 22.42 3.15 -18.02
C VAL A 41 22.20 3.93 -19.30
N THR A 42 22.63 3.35 -20.42
CA THR A 42 22.43 3.96 -21.72
C THR A 42 21.99 2.92 -22.72
N VAL A 43 20.81 3.11 -23.29
CA VAL A 43 20.31 2.22 -24.31
C VAL A 43 20.45 2.89 -25.66
N HIS A 44 21.25 2.28 -26.53
CA HIS A 44 21.56 2.89 -27.80
C HIS A 44 20.41 2.86 -28.80
N GLY A 45 20.24 3.93 -29.56
CA GLY A 45 19.19 4.01 -30.55
C GLY A 45 19.29 2.97 -31.64
N LYS A 46 18.16 2.48 -32.14
CA LYS A 46 18.16 1.54 -33.25
C LYS A 46 18.29 2.29 -34.56
N GLY A 47 19.15 1.80 -35.43
CA GLY A 47 19.34 2.44 -36.72
C GLY A 47 20.03 3.77 -36.57
N GLU A 48 20.02 4.53 -37.65
CA GLU A 48 20.87 5.67 -37.82
C GLU A 48 20.30 6.90 -37.10
N LYS A 49 18.97 6.98 -37.03
CA LYS A 49 18.28 8.12 -36.40
C LYS A 49 17.56 7.69 -35.12
N GLY A 50 17.84 6.47 -34.65
CA GLY A 50 17.25 5.96 -33.43
C GLY A 50 17.63 6.80 -32.23
N VAL A 51 16.75 6.85 -31.24
CA VAL A 51 16.99 7.69 -30.09
C VAL A 51 17.64 6.92 -28.97
N GLU A 52 18.74 7.44 -28.46
CA GLU A 52 19.42 6.85 -27.34
C GLU A 52 18.73 7.27 -26.05
N ILE A 53 18.68 6.37 -25.06
CA ILE A 53 18.10 6.70 -23.78
C ILE A 53 19.11 6.51 -22.66
N SER A 54 19.31 7.53 -21.85
CA SER A 54 20.32 7.46 -20.79
C SER A 54 19.82 8.06 -19.49
N TYR A 55 20.09 7.36 -18.39
CA TYR A 55 19.56 7.74 -17.09
C TYR A 55 20.41 7.22 -15.93
N PRO A 56 20.51 8.01 -14.85
CA PRO A 56 21.15 7.52 -13.63
C PRO A 56 20.20 6.62 -12.83
N VAL A 57 20.77 5.81 -11.94
CA VAL A 57 19.99 4.92 -11.09
C VAL A 57 20.35 5.15 -9.64
N GLY A 58 19.35 5.51 -8.83
CA GLY A 58 19.57 5.81 -7.42
C GLY A 58 19.70 4.57 -6.56
N GLN A 59 20.20 4.74 -5.35
CA GLN A 59 20.43 3.62 -4.45
C GLN A 59 19.18 2.83 -4.11
N GLU A 60 18.12 3.53 -3.73
CA GLU A 60 16.84 2.90 -3.37
C GLU A 60 16.41 1.93 -4.41
N SER A 61 16.62 2.31 -5.66
CA SER A 61 16.19 1.53 -6.79
C SER A 61 17.05 0.31 -6.92
N LEU A 62 18.35 0.50 -6.74
CA LEU A 62 19.27 -0.63 -6.79
C LEU A 62 18.85 -1.59 -5.70
N LYS A 63 18.54 -1.04 -4.54
CA LYS A 63 18.12 -1.86 -3.41
C LYS A 63 16.76 -2.50 -3.64
N THR A 64 15.82 -1.71 -4.15
CA THR A 64 14.46 -2.19 -4.36
C THR A 64 14.45 -3.30 -5.37
N TYR A 65 15.28 -3.17 -6.39
CA TYR A 65 15.29 -4.16 -7.45
C TYR A 65 16.36 -5.21 -7.27
N ASP A 66 17.33 -4.96 -6.39
CA ASP A 66 18.49 -5.83 -6.28
C ASP A 66 19.10 -5.97 -7.67
N GLY A 67 19.42 -4.81 -8.26
CA GLY A 67 19.93 -4.79 -9.61
C GLY A 67 19.85 -3.43 -10.27
N VAL A 68 20.33 -3.35 -11.51
CA VAL A 68 20.22 -2.12 -12.28
C VAL A 68 19.09 -2.26 -13.26
N PRO A 69 18.16 -1.30 -13.23
CA PRO A 69 16.96 -1.34 -14.06
C PRO A 69 17.25 -0.93 -15.48
N ILE A 70 16.86 -1.75 -16.44
CA ILE A 70 17.07 -1.40 -17.85
C ILE A 70 15.78 -1.04 -18.57
N PHE A 71 15.58 0.26 -18.79
CA PHE A 71 14.37 0.78 -19.42
C PHE A 71 14.64 1.40 -20.79
N GLY A 72 13.76 1.15 -21.75
CA GLY A 72 13.85 1.80 -23.04
C GLY A 72 14.25 0.92 -24.22
N LEU A 73 13.96 -0.38 -24.14
CA LEU A 73 14.34 -1.31 -25.21
C LEU A 73 13.35 -1.37 -26.37
N TYR A 74 13.80 -1.90 -27.50
CA TYR A 74 12.98 -2.05 -28.68
C TYR A 74 12.41 -3.44 -28.66
N GLN A 75 11.20 -3.62 -29.16
CA GLN A 75 10.69 -4.98 -29.24
C GLN A 75 11.50 -5.77 -30.24
N LYS A 76 11.36 -7.10 -30.16
CA LYS A 76 12.05 -8.05 -31.02
C LYS A 76 13.39 -7.59 -31.61
N PHE A 77 14.29 -7.19 -30.74
CA PHE A 77 15.51 -6.56 -31.17
C PHE A 77 16.68 -6.91 -30.26
N ALA A 78 17.88 -6.90 -30.83
CA ALA A 78 19.09 -7.09 -30.05
C ALA A 78 19.59 -5.78 -29.48
N ASN A 79 18.99 -5.34 -28.39
CA ASN A 79 19.27 -4.00 -27.89
C ASN A 79 20.68 -3.89 -27.35
N LYS A 80 21.37 -2.82 -27.69
CA LYS A 80 22.72 -2.62 -27.23
C LYS A 80 22.68 -1.71 -26.05
N VAL A 81 23.14 -2.19 -24.92
CA VAL A 81 23.05 -1.45 -23.68
C VAL A 81 24.40 -1.34 -22.97
N THR A 82 24.60 -0.21 -22.31
CA THR A 82 25.83 0.07 -21.60
C THR A 82 25.54 0.49 -20.17
N VAL A 83 26.06 -0.27 -19.20
CA VAL A 83 25.88 0.10 -17.81
C VAL A 83 27.21 0.51 -17.23
N GLU A 84 27.22 1.67 -16.57
CA GLU A 84 28.43 2.22 -15.99
C GLU A 84 28.25 2.38 -14.49
N TRP A 85 29.28 2.05 -13.74
CA TRP A 85 29.17 2.08 -12.29
C TRP A 85 30.51 2.14 -11.60
N LYS A 86 30.45 2.36 -10.29
CA LYS A 86 31.65 2.43 -9.47
C LYS A 86 31.64 1.25 -8.53
N GLU A 87 32.74 0.51 -8.44
CA GLU A 87 32.79 -0.58 -7.48
C GLU A 87 34.15 -0.65 -6.87
N ASN A 88 34.17 -0.55 -5.55
CA ASN A 88 35.42 -0.52 -4.79
C ASN A 88 36.31 0.59 -5.28
N GLY A 89 35.76 1.79 -5.35
CA GLY A 89 36.54 2.97 -5.65
C GLY A 89 36.79 3.21 -7.12
N LYS A 90 36.64 2.19 -7.96
CA LYS A 90 37.10 2.33 -9.33
C LYS A 90 36.02 2.20 -10.40
N VAL A 91 36.23 2.93 -11.50
CA VAL A 91 35.27 3.06 -12.61
C VAL A 91 35.05 1.77 -13.39
N MET A 92 33.80 1.37 -13.50
CA MET A 92 33.47 0.12 -14.15
C MET A 92 32.52 0.33 -15.31
N LYS A 93 32.38 -0.70 -16.15
CA LYS A 93 31.49 -0.58 -17.30
C LYS A 93 31.34 -1.91 -18.05
N ASP A 94 30.11 -2.20 -18.44
CA ASP A 94 29.77 -3.42 -19.14
C ASP A 94 28.95 -3.08 -20.35
N ASP A 95 29.08 -3.90 -21.40
CA ASP A 95 28.21 -3.76 -22.56
C ASP A 95 27.40 -5.03 -22.73
N TYR A 96 26.09 -4.89 -22.81
CA TYR A 96 25.25 -6.06 -22.94
C TYR A 96 24.42 -6.01 -24.19
N VAL A 97 24.19 -7.19 -24.76
CA VAL A 97 23.25 -7.37 -25.85
C VAL A 97 21.98 -7.97 -25.29
N VAL A 98 20.92 -7.17 -25.22
CA VAL A 98 19.70 -7.64 -24.59
C VAL A 98 18.60 -7.89 -25.61
N HIS A 99 18.46 -9.14 -26.02
CA HIS A 99 17.37 -9.49 -26.90
C HIS A 99 16.04 -9.33 -26.21
N THR A 100 15.02 -8.96 -26.97
CA THR A 100 13.68 -8.76 -26.43
C THR A 100 12.68 -9.53 -27.27
N SER A 101 11.52 -9.83 -26.70
CA SER A 101 10.48 -10.47 -27.49
C SER A 101 9.46 -9.44 -27.95
N ALA A 102 8.29 -9.95 -28.34
CA ALA A 102 7.30 -9.14 -29.04
C ALA A 102 6.28 -8.45 -28.13
N ILE A 103 5.62 -7.45 -28.69
CA ILE A 103 4.54 -6.73 -28.04
C ILE A 103 3.25 -7.34 -28.48
N VAL A 104 2.36 -7.67 -27.55
CA VAL A 104 1.13 -8.32 -27.98
C VAL A 104 -0.11 -7.57 -27.60
N ASN A 105 -0.99 -7.40 -28.57
CA ASN A 105 -2.33 -6.94 -28.33
C ASN A 105 -3.24 -8.14 -28.24
N ASN A 106 -3.81 -8.32 -27.05
CA ASN A 106 -4.61 -9.50 -26.74
C ASN A 106 -6.09 -9.30 -27.09
N TYR A 107 -6.42 -8.16 -27.67
CA TYR A 107 -7.83 -7.81 -27.88
C TYR A 107 -8.05 -7.41 -29.33
N MET A 108 -8.35 -8.39 -30.16
CA MET A 108 -8.52 -8.13 -31.56
C MET A 108 -9.72 -8.86 -32.13
N ASP A 109 -10.35 -8.23 -33.11
CA ASP A 109 -11.48 -8.80 -33.81
C ASP A 109 -11.56 -8.19 -35.21
N ASN A 110 -12.70 -8.32 -35.88
CA ASN A 110 -12.81 -7.85 -37.26
C ASN A 110 -12.77 -6.33 -37.42
N ARG A 111 -12.80 -5.63 -36.30
CA ARG A 111 -12.71 -4.19 -36.36
C ARG A 111 -11.26 -3.77 -36.42
N SER A 112 -10.37 -4.69 -36.06
CA SER A 112 -8.95 -4.39 -35.97
C SER A 112 -8.33 -3.97 -37.29
N ILE A 113 -7.69 -2.81 -37.29
CA ILE A 113 -6.94 -2.30 -38.44
C ILE A 113 -5.64 -3.09 -38.63
N SER A 114 -4.83 -3.16 -37.59
CA SER A 114 -3.79 -4.16 -37.42
C SER A 114 -3.68 -4.43 -35.92
N ASP A 115 -2.68 -5.17 -35.48
CA ASP A 115 -2.61 -5.48 -34.06
C ASP A 115 -2.14 -4.31 -33.20
N LEU A 116 -1.23 -3.49 -33.69
CA LEU A 116 -0.72 -2.40 -32.89
C LEU A 116 -1.11 -1.04 -33.46
N GLN A 117 -1.16 -0.04 -32.60
CA GLN A 117 -1.51 1.31 -33.07
C GLN A 117 -0.36 1.96 -33.83
N GLN A 118 -0.70 2.67 -34.90
CA GLN A 118 0.32 3.25 -35.78
C GLN A 118 0.70 4.67 -35.37
N THR A 119 1.95 5.00 -35.58
CA THR A 119 2.44 6.32 -35.27
C THR A 119 2.88 7.00 -36.56
N LYS A 120 2.79 8.33 -36.57
CA LYS A 120 3.21 9.14 -37.71
C LYS A 120 3.89 10.38 -37.18
N VAL A 121 5.20 10.43 -37.33
CA VAL A 121 5.94 11.60 -36.90
C VAL A 121 5.68 12.77 -37.84
N ILE A 122 5.56 13.97 -37.30
CA ILE A 122 5.14 15.13 -38.09
C ILE A 122 6.15 16.24 -37.99
N LYS A 123 6.56 16.56 -36.78
CA LYS A 123 7.49 17.64 -36.55
C LYS A 123 8.32 17.36 -35.31
N VAL A 124 9.64 17.51 -35.43
CA VAL A 124 10.53 17.43 -34.28
C VAL A 124 11.64 18.48 -34.37
N ALA A 125 11.43 19.61 -33.70
CA ALA A 125 12.42 20.69 -33.71
C ALA A 125 13.76 20.25 -33.12
N PRO A 126 14.83 20.96 -33.45
CA PRO A 126 16.09 20.60 -32.82
C PRO A 126 16.07 20.89 -31.33
N GLY A 127 16.67 19.98 -30.56
CA GLY A 127 16.70 20.11 -29.12
C GLY A 127 15.53 19.45 -28.46
N PHE A 128 14.73 18.75 -29.26
CA PHE A 128 13.56 18.04 -28.77
C PHE A 128 13.55 16.60 -29.26
N GLU A 129 14.71 16.09 -29.65
CA GLU A 129 14.79 14.72 -30.16
C GLU A 129 14.75 13.65 -29.06
N ASP A 130 15.18 14.01 -27.84
CA ASP A 130 15.24 13.03 -26.76
C ASP A 130 13.88 12.68 -26.16
N ARG A 131 12.87 13.50 -26.39
CA ARG A 131 11.59 13.40 -25.68
C ARG A 131 10.88 12.05 -25.78
N LEU A 132 10.38 11.59 -24.65
CA LEU A 132 9.56 10.39 -24.58
C LEU A 132 8.18 10.70 -24.02
N TYR A 133 7.17 9.98 -24.49
CA TYR A 133 5.79 10.27 -24.15
C TYR A 133 5.04 8.99 -23.83
N LEU A 134 4.40 8.93 -22.68
CA LEU A 134 3.64 7.76 -22.31
C LEU A 134 2.24 7.92 -22.79
N VAL A 135 1.74 6.96 -23.56
CA VAL A 135 0.41 7.08 -24.09
C VAL A 135 -0.56 6.21 -23.35
N ASN A 136 -1.50 6.85 -22.69
CA ASN A 136 -2.56 6.14 -22.02
C ASN A 136 -3.74 5.97 -22.93
N THR A 137 -3.77 4.86 -23.67
CA THR A 137 -4.89 4.65 -24.57
C THR A 137 -5.40 3.22 -24.42
N HIS A 138 -6.42 2.88 -25.19
CA HIS A 138 -7.17 1.66 -24.94
C HIS A 138 -7.67 1.04 -26.22
N THR A 139 -8.25 -0.14 -26.13
CA THR A 139 -8.69 -0.82 -27.33
C THR A 139 -9.89 -1.71 -27.06
N PHE A 140 -10.86 -1.71 -27.96
CA PHE A 140 -12.14 -2.34 -27.70
C PHE A 140 -12.01 -3.81 -27.45
N THR A 141 -12.82 -4.33 -26.54
CA THR A 141 -12.88 -5.76 -26.32
C THR A 141 -13.91 -6.36 -27.26
N ALA A 142 -13.82 -7.65 -27.51
CA ALA A 142 -14.73 -8.27 -28.47
C ALA A 142 -16.17 -8.29 -28.00
N GLN A 143 -16.40 -8.19 -26.71
CA GLN A 143 -17.75 -8.29 -26.18
C GLN A 143 -18.30 -6.92 -25.82
N GLY A 144 -17.41 -5.95 -25.69
CA GLY A 144 -17.79 -4.66 -25.21
C GLY A 144 -18.27 -4.82 -23.77
N SER A 145 -19.06 -3.86 -23.33
CA SER A 145 -19.62 -3.87 -21.98
C SER A 145 -20.53 -5.06 -21.74
N ASP A 146 -20.24 -5.83 -20.71
CA ASP A 146 -21.06 -6.99 -20.40
C ASP A 146 -21.61 -6.94 -18.98
N LEU A 147 -21.13 -6.00 -18.16
CA LEU A 147 -21.51 -5.99 -16.75
C LEU A 147 -22.14 -4.71 -16.24
N HIS A 148 -23.25 -4.88 -15.53
CA HIS A 148 -23.98 -3.80 -14.87
C HIS A 148 -23.99 -3.98 -13.34
N TRP A 149 -23.86 -2.89 -12.60
CA TRP A 149 -24.27 -2.91 -11.19
C TRP A 149 -25.79 -3.05 -11.16
N HIS A 150 -26.31 -3.67 -10.10
CA HIS A 150 -27.76 -3.78 -9.88
C HIS A 150 -28.25 -2.61 -9.04
N GLY A 151 -29.41 -2.06 -9.38
CA GLY A 151 -29.93 -0.91 -8.67
C GLY A 151 -31.07 -1.25 -7.73
N GLU A 152 -31.82 -0.22 -7.36
CA GLU A 152 -33.01 -0.39 -6.57
C GLU A 152 -34.21 -0.02 -7.43
N LYS A 153 -35.18 -0.92 -7.50
CA LYS A 153 -36.42 -0.65 -8.21
C LYS A 153 -37.11 0.56 -7.60
N ASP A 154 -37.69 1.42 -8.43
CA ASP A 154 -38.41 2.55 -7.89
C ASP A 154 -39.89 2.52 -8.31
N LYS A 155 -40.69 3.38 -7.67
CA LYS A 155 -42.15 3.32 -7.77
C LYS A 155 -42.69 3.27 -9.19
N ASN A 156 -42.07 4.04 -10.08
CA ASN A 156 -42.54 4.16 -11.45
CA ASN A 156 -42.53 4.16 -11.45
C ASN A 156 -42.45 2.87 -12.24
N ALA A 157 -41.40 2.09 -11.98
CA ALA A 157 -41.17 0.84 -12.69
C ALA A 157 -42.35 -0.11 -12.55
N GLY A 158 -42.47 -1.04 -13.48
CA GLY A 158 -43.54 -2.01 -13.48
C GLY A 158 -43.56 -2.86 -12.22
N ILE A 159 -44.39 -3.89 -12.23
CA ILE A 159 -44.51 -4.71 -11.05
C ILE A 159 -43.77 -6.03 -11.24
N LEU A 160 -43.82 -6.56 -12.46
CA LEU A 160 -43.17 -7.82 -12.79
C LEU A 160 -41.73 -7.58 -13.15
N ASP A 161 -41.41 -6.30 -13.33
CA ASP A 161 -40.14 -5.90 -13.89
C ASP A 161 -38.98 -6.23 -12.95
N ALA A 162 -37.90 -6.76 -13.52
CA ALA A 162 -36.67 -6.98 -12.77
C ALA A 162 -36.10 -5.64 -12.34
N GLY A 163 -35.19 -5.66 -11.39
CA GLY A 163 -34.62 -4.43 -10.89
C GLY A 163 -33.80 -3.72 -11.93
N PRO A 164 -33.53 -2.43 -11.71
CA PRO A 164 -32.80 -1.64 -12.69
C PRO A 164 -31.29 -1.75 -12.49
N ALA A 165 -30.54 -1.04 -13.31
CA ALA A 165 -29.12 -0.91 -13.10
C ALA A 165 -28.85 0.43 -12.44
N THR A 166 -27.59 0.67 -12.11
CA THR A 166 -27.19 1.94 -11.58
C THR A 166 -25.67 2.01 -11.74
N GLY A 167 -25.08 3.18 -11.50
CA GLY A 167 -23.64 3.31 -11.58
C GLY A 167 -23.04 3.29 -12.99
N ALA A 168 -21.73 3.09 -13.07
CA ALA A 168 -21.04 3.14 -14.36
C ALA A 168 -20.11 1.96 -14.57
N LEU A 169 -20.59 0.75 -14.34
CA LEU A 169 -19.75 -0.42 -14.51
C LEU A 169 -19.40 -0.73 -15.98
N PRO A 170 -20.35 -0.53 -16.92
CA PRO A 170 -20.03 -0.85 -18.31
C PRO A 170 -18.91 0.03 -18.90
N PHE A 171 -18.43 0.97 -18.10
CA PHE A 171 -17.32 1.82 -18.46
C PHE A 171 -16.03 1.05 -18.41
N ASP A 172 -15.88 0.13 -19.36
CA ASP A 172 -14.93 -0.95 -19.28
C ASP A 172 -14.25 -1.18 -20.63
N ILE A 173 -12.92 -1.23 -20.64
CA ILE A 173 -12.19 -1.43 -21.88
C ILE A 173 -10.77 -1.94 -21.61
N ALA A 174 -10.17 -2.57 -22.61
CA ALA A 174 -8.81 -3.07 -22.49
C ALA A 174 -7.80 -1.95 -22.68
N PRO A 175 -6.68 -2.01 -21.94
CA PRO A 175 -5.76 -0.90 -22.09
C PRO A 175 -4.79 -1.08 -23.26
N PHE A 176 -4.07 -0.01 -23.57
CA PHE A 176 -3.06 -0.01 -24.60
C PHE A 176 -2.07 1.05 -24.16
N THR A 177 -1.04 0.63 -23.45
CA THR A 177 -0.19 1.58 -22.75
C THR A 177 1.24 1.39 -23.21
N PHE A 178 1.79 2.42 -23.83
CA PHE A 178 3.11 2.34 -24.39
C PHE A 178 3.78 3.69 -24.30
N ILE A 179 5.10 3.70 -24.43
CA ILE A 179 5.86 4.94 -24.50
C ILE A 179 6.37 5.12 -25.93
N VAL A 180 6.47 6.37 -26.40
CA VAL A 180 6.90 6.63 -27.77
C VAL A 180 8.06 7.62 -27.80
N ASP A 181 9.00 7.43 -28.72
CA ASP A 181 10.07 8.42 -28.95
C ASP A 181 9.84 9.24 -30.21
N THR A 182 10.63 10.29 -30.38
CA THR A 182 10.50 11.15 -31.55
C THR A 182 10.80 10.46 -32.89
N GLU A 183 10.94 9.15 -32.90
CA GLU A 183 11.01 8.40 -34.15
C GLU A 183 9.79 7.51 -34.28
N GLY A 184 8.87 7.64 -33.33
CA GLY A 184 7.62 6.93 -33.40
C GLY A 184 7.80 5.47 -33.09
N GLU A 185 8.90 5.19 -32.39
CA GLU A 185 9.21 3.84 -32.00
C GLU A 185 8.64 3.53 -30.63
N TYR A 186 8.17 2.29 -30.45
CA TYR A 186 7.76 1.80 -29.14
C TYR A 186 8.95 1.46 -28.27
N ARG A 187 9.06 2.12 -27.12
CA ARG A 187 10.18 1.95 -26.22
C ARG A 187 9.81 1.42 -24.83
N TRP A 188 8.52 1.24 -24.57
CA TRP A 188 8.04 0.68 -23.31
C TRP A 188 6.63 0.16 -23.54
N TRP A 189 6.26 -0.88 -22.82
CA TRP A 189 4.95 -1.48 -23.00
C TRP A 189 4.49 -2.09 -21.70
N LEU A 190 3.30 -1.72 -21.24
CA LEU A 190 2.73 -2.32 -20.05
C LEU A 190 1.80 -3.46 -20.45
N ASP A 191 2.22 -4.69 -20.20
CA ASP A 191 1.44 -5.89 -20.52
C ASP A 191 -0.01 -5.65 -20.19
N GLN A 192 -0.91 -6.04 -21.08
CA GLN A 192 -2.31 -5.78 -20.85
C GLN A 192 -2.84 -6.59 -19.65
N ASP A 193 -2.25 -7.75 -19.42
CA ASP A 193 -2.67 -8.63 -18.34
C ASP A 193 -2.25 -8.10 -16.99
N THR A 194 -1.49 -7.01 -16.98
CA THR A 194 -1.01 -6.42 -15.74
C THR A 194 -2.18 -6.09 -14.82
N PHE A 195 -3.14 -5.34 -15.36
CA PHE A 195 -4.28 -4.86 -14.57
C PHE A 195 -5.62 -5.36 -15.05
N TYR A 196 -5.68 -5.86 -16.28
CA TYR A 196 -6.95 -6.09 -16.94
C TYR A 196 -7.09 -7.51 -17.46
N ASP A 197 -8.29 -8.05 -17.36
CA ASP A 197 -8.62 -9.35 -17.92
C ASP A 197 -10.06 -9.30 -18.42
N GLY A 198 -10.22 -9.24 -19.74
CA GLY A 198 -11.50 -8.99 -20.35
C GLY A 198 -12.26 -10.22 -20.80
N ARG A 199 -11.59 -11.37 -20.79
CA ARG A 199 -12.27 -12.62 -21.08
C ARG A 199 -12.79 -13.26 -19.80
N ASP A 200 -12.19 -12.89 -18.66
CA ASP A 200 -12.63 -13.41 -17.37
C ASP A 200 -13.49 -12.40 -16.63
N ARG A 201 -14.40 -12.89 -15.80
CA ARG A 201 -15.39 -12.02 -15.16
C ARG A 201 -15.07 -11.72 -13.71
N ASP A 202 -13.80 -11.73 -13.36
CA ASP A 202 -13.37 -11.16 -12.10
C ASP A 202 -13.40 -9.64 -12.19
N ILE A 203 -14.39 -9.01 -11.59
CA ILE A 203 -14.51 -7.57 -11.67
C ILE A 203 -13.32 -6.80 -11.05
N ASN A 204 -12.42 -7.49 -10.37
CA ASN A 204 -11.35 -6.71 -9.78
C ASN A 204 -10.33 -6.39 -10.85
N LYS A 205 -10.45 -7.15 -11.94
CA LYS A 205 -9.62 -6.99 -13.12
C LYS A 205 -10.33 -6.31 -14.28
N ARG A 206 -11.27 -5.42 -13.98
CA ARG A 206 -12.05 -4.74 -14.98
C ARG A 206 -12.06 -3.24 -14.72
N GLY A 207 -12.41 -2.49 -15.75
CA GLY A 207 -12.49 -1.05 -15.66
C GLY A 207 -11.89 -0.36 -16.85
N TYR A 208 -11.39 0.84 -16.61
CA TYR A 208 -10.85 1.70 -17.63
C TYR A 208 -9.60 2.35 -17.09
N LEU A 209 -8.43 1.85 -17.50
CA LEU A 209 -7.19 2.27 -16.85
C LEU A 209 -6.84 3.72 -17.11
N MET A 210 -6.90 4.56 -16.10
CA MET A 210 -6.64 5.98 -16.31
C MET A 210 -6.01 6.71 -15.17
N GLY A 211 -5.93 8.01 -15.36
CA GLY A 211 -5.44 8.91 -14.35
C GLY A 211 -4.03 8.54 -14.00
N ILE A 212 -3.24 8.21 -15.01
CA ILE A 212 -1.84 7.85 -14.83
C ILE A 212 -1.01 9.09 -14.52
N ARG A 213 -0.50 9.17 -13.31
CA ARG A 213 0.18 10.39 -12.87
C ARG A 213 1.42 10.08 -12.05
N GLU A 214 2.49 10.82 -12.32
CA GLU A 214 3.74 10.61 -11.64
C GLU A 214 3.62 10.91 -10.16
N THR A 215 4.41 10.21 -9.35
CA THR A 215 4.44 10.40 -7.90
C THR A 215 5.73 11.09 -7.50
N PRO A 216 5.82 11.60 -6.25
CA PRO A 216 7.08 12.21 -5.83
C PRO A 216 8.29 11.26 -5.81
N ARG A 217 8.08 10.01 -6.17
CA ARG A 217 9.16 9.03 -6.15
C ARG A 217 9.60 8.57 -7.54
N GLY A 218 8.91 9.04 -8.57
CA GLY A 218 9.20 8.62 -9.94
C GLY A 218 8.33 7.48 -10.38
N THR A 219 7.36 7.13 -9.54
CA THR A 219 6.45 6.04 -9.84
C THR A 219 5.13 6.64 -10.25
N PHE A 220 4.16 5.80 -10.59
CA PHE A 220 2.93 6.31 -11.13
C PHE A 220 1.72 5.72 -10.45
N THR A 221 0.70 6.53 -10.25
CA THR A 221 -0.55 6.01 -9.76
C THR A 221 -1.50 5.80 -10.94
N ALA A 222 -2.59 5.08 -10.70
CA ALA A 222 -3.57 4.80 -11.74
C ALA A 222 -4.83 4.23 -11.11
N VAL A 223 -5.96 4.42 -11.78
CA VAL A 223 -7.21 3.84 -11.33
C VAL A 223 -7.77 2.92 -12.40
N GLN A 224 -8.45 1.87 -11.96
CA GLN A 224 -9.21 1.06 -12.91
C GLN A 224 -10.36 0.34 -12.23
N GLY A 225 -11.59 0.81 -12.51
CA GLY A 225 -12.79 0.21 -11.98
C GLY A 225 -12.87 0.38 -10.48
N GLN A 226 -12.69 -0.72 -9.75
CA GLN A 226 -12.88 -0.71 -8.29
C GLN A 226 -11.56 -0.83 -7.52
N HIS A 227 -10.45 -0.60 -8.19
CA HIS A 227 -9.14 -0.55 -7.56
C HIS A 227 -8.36 0.67 -7.95
N TRP A 228 -7.38 1.02 -7.14
CA TRP A 228 -6.37 1.95 -7.59
C TRP A 228 -4.97 1.41 -7.31
N TYR A 229 -3.99 1.96 -8.02
CA TYR A 229 -2.69 1.35 -8.13
C TYR A 229 -1.53 2.31 -8.05
N GLU A 230 -0.35 1.74 -7.85
CA GLU A 230 0.92 2.42 -8.03
C GLU A 230 1.84 1.46 -8.71
N PHE A 231 2.53 1.93 -9.74
CA PHE A 231 3.47 1.08 -10.44
C PHE A 231 4.69 1.88 -10.79
N ASP A 232 5.76 1.18 -11.18
CA ASP A 232 6.96 1.82 -11.66
C ASP A 232 7.34 1.35 -13.06
N MET A 233 8.41 1.91 -13.60
CA MET A 233 8.73 1.70 -15.00
C MET A 233 9.39 0.36 -15.29
N MET A 234 9.56 -0.45 -14.26
CA MET A 234 10.04 -1.80 -14.45
C MET A 234 8.88 -2.75 -14.52
N GLY A 235 7.68 -2.21 -14.38
CA GLY A 235 6.47 -3.01 -14.46
C GLY A 235 6.09 -3.57 -13.11
N GLN A 236 6.68 -3.02 -12.06
CA GLN A 236 6.47 -3.51 -10.70
C GLN A 236 5.23 -2.89 -10.08
N VAL A 237 4.27 -3.71 -9.69
CA VAL A 237 3.05 -3.19 -9.06
C VAL A 237 3.28 -2.88 -7.60
N LEU A 238 3.44 -1.60 -7.29
CA LEU A 238 3.79 -1.18 -5.93
C LEU A 238 2.63 -1.15 -4.94
N GLU A 239 1.43 -0.81 -5.42
CA GLU A 239 0.22 -0.82 -4.62
C GLU A 239 -0.96 -1.33 -5.41
N ASP A 240 -1.90 -1.95 -4.73
CA ASP A 240 -3.13 -2.42 -5.33
C ASP A 240 -4.18 -2.43 -4.24
N HIS A 241 -4.97 -1.37 -4.20
CA HIS A 241 -5.99 -1.17 -3.19
C HIS A 241 -7.37 -1.27 -3.79
N LYS A 242 -8.28 -1.92 -3.09
CA LYS A 242 -9.68 -1.83 -3.40
C LYS A 242 -10.19 -0.48 -2.93
N LEU A 243 -11.20 0.04 -3.61
CA LEU A 243 -11.88 1.23 -3.14
C LEU A 243 -12.51 0.93 -1.80
N PRO A 244 -12.60 1.94 -0.93
CA PRO A 244 -13.34 1.73 0.33
C PRO A 244 -14.80 1.40 0.02
N ARG A 245 -15.43 0.64 0.93
CA ARG A 245 -16.66 -0.07 0.61
C ARG A 245 -17.82 0.82 0.26
N GLY A 246 -17.73 2.09 0.61
CA GLY A 246 -18.77 3.03 0.24
C GLY A 246 -18.76 3.46 -1.21
N PHE A 247 -17.69 3.13 -1.95
CA PHE A 247 -17.44 3.74 -3.25
C PHE A 247 -17.11 2.76 -4.37
N ALA A 248 -17.30 3.23 -5.60
CA ALA A 248 -17.24 2.37 -6.79
C ALA A 248 -17.06 3.17 -8.07
N ASP A 249 -16.50 2.56 -9.11
CA ASP A 249 -16.35 3.21 -10.41
C ASP A 249 -15.37 4.38 -10.34
N ALA A 250 -14.08 4.08 -10.24
CA ALA A 250 -13.05 5.11 -10.19
C ALA A 250 -12.40 5.35 -11.55
N THR A 251 -12.39 6.59 -11.99
CA THR A 251 -11.95 6.91 -13.32
C THR A 251 -11.27 8.26 -13.42
N HIS A 252 -10.63 8.49 -14.55
CA HIS A 252 -10.12 9.80 -15.01
C HIS A 252 -8.87 10.32 -14.32
N GLU A 253 -8.84 10.28 -13.00
CA GLU A 253 -7.72 10.89 -12.31
C GLU A 253 -7.29 10.11 -11.08
N SER A 254 -6.01 10.19 -10.76
CA SER A 254 -5.47 9.77 -9.49
C SER A 254 -4.16 10.52 -9.31
N ILE A 255 -4.02 11.24 -8.21
CA ILE A 255 -2.82 12.06 -8.05
C ILE A 255 -2.35 12.13 -6.60
N GLU A 256 -1.10 11.72 -6.37
CA GLU A 256 -0.51 11.79 -5.05
C GLU A 256 -0.27 13.24 -4.65
N THR A 257 -0.46 13.52 -3.36
CA THR A 257 -0.29 14.86 -2.83
C THR A 257 1.05 14.94 -2.10
N PRO A 258 1.48 16.16 -1.72
CA PRO A 258 2.74 16.25 -0.97
C PRO A 258 2.66 15.63 0.41
N ASN A 259 1.49 15.13 0.77
CA ASN A 259 1.23 14.64 2.11
C ASN A 259 0.99 13.15 2.11
N GLY A 260 1.53 12.47 1.12
CA GLY A 260 1.41 11.03 1.09
C GLY A 260 0.04 10.51 0.74
N THR A 261 -0.96 11.37 0.76
CA THR A 261 -2.30 10.95 0.37
C THR A 261 -2.47 10.95 -1.15
N VAL A 262 -3.56 10.35 -1.59
CA VAL A 262 -3.85 10.23 -3.01
C VAL A 262 -5.29 10.63 -3.25
N LEU A 263 -5.49 11.51 -4.22
CA LEU A 263 -6.83 12.01 -4.51
C LEU A 263 -7.47 11.20 -5.63
N LEU A 264 -8.66 10.70 -5.39
CA LEU A 264 -9.34 9.90 -6.39
C LEU A 264 -10.68 10.50 -6.79
N ARG A 265 -11.06 10.26 -8.03
CA ARG A 265 -12.34 10.70 -8.52
C ARG A 265 -13.21 9.48 -8.59
N VAL A 266 -14.32 9.52 -7.85
CA VAL A 266 -15.17 8.37 -7.70
C VAL A 266 -16.67 8.68 -7.72
N GLY A 267 -17.50 7.63 -7.63
CA GLY A 267 -18.92 7.77 -7.37
C GLY A 267 -19.23 7.08 -6.06
N LYS A 268 -20.45 7.22 -5.56
CA LYS A 268 -20.87 6.64 -4.28
C LYS A 268 -21.83 5.50 -4.47
N SER A 269 -21.52 4.34 -3.90
CA SER A 269 -22.45 3.21 -3.95
C SER A 269 -23.52 3.34 -2.88
N ASN A 270 -24.72 2.87 -3.18
CA ASN A 270 -25.84 2.90 -2.25
C ASN A 270 -26.08 4.27 -1.65
N TYR A 271 -26.07 5.28 -2.51
CA TYR A 271 -26.38 6.66 -2.14
C TYR A 271 -27.88 6.80 -1.93
N ARG A 272 -28.27 7.36 -0.79
CA ARG A 272 -29.66 7.55 -0.45
C ARG A 272 -30.16 8.91 -0.94
N ARG A 273 -30.90 8.89 -2.04
CA ARG A 273 -31.49 10.09 -2.59
C ARG A 273 -32.57 10.59 -1.63
N ASP A 274 -32.86 11.89 -1.70
CA ASP A 274 -33.86 12.51 -0.86
C ASP A 274 -35.15 11.71 -0.90
N ASP A 275 -35.49 11.21 -2.09
CA ASP A 275 -36.73 10.44 -2.25
C ASP A 275 -36.53 9.01 -1.82
N GLY A 276 -35.38 8.73 -1.23
CA GLY A 276 -35.10 7.42 -0.68
C GLY A 276 -34.86 6.33 -1.71
N VAL A 277 -34.52 6.70 -2.92
CA VAL A 277 -34.08 5.69 -3.86
C VAL A 277 -32.57 5.57 -3.71
N HIS A 278 -32.07 4.34 -3.72
CA HIS A 278 -30.65 4.13 -3.64
C HIS A 278 -30.09 3.95 -5.03
N VAL A 279 -29.09 4.77 -5.33
CA VAL A 279 -28.39 4.68 -6.60
C VAL A 279 -26.90 4.65 -6.34
N THR A 280 -26.14 4.29 -7.37
CA THR A 280 -24.72 4.55 -7.38
C THR A 280 -24.51 5.80 -8.19
N THR A 281 -23.91 6.83 -7.59
CA THR A 281 -23.75 8.09 -8.30
C THR A 281 -22.61 8.04 -9.28
N ILE A 282 -22.66 8.93 -10.26
CA ILE A 282 -21.77 8.92 -11.41
C ILE A 282 -20.77 10.09 -11.36
N ARG A 283 -19.51 9.79 -11.24
CA ARG A 283 -18.44 10.77 -11.30
C ARG A 283 -18.65 12.10 -10.61
N ASP A 284 -19.00 12.06 -9.34
CA ASP A 284 -19.30 13.27 -8.57
C ASP A 284 -18.84 13.21 -7.12
N HIS A 285 -17.92 12.29 -6.81
CA HIS A 285 -17.34 12.25 -5.47
C HIS A 285 -15.82 12.25 -5.53
N ILE A 286 -15.20 12.95 -4.60
CA ILE A 286 -13.75 13.01 -4.52
C ILE A 286 -13.27 12.36 -3.22
N LEU A 287 -12.41 11.36 -3.32
CA LEU A 287 -11.80 10.73 -2.14
C LEU A 287 -10.38 11.24 -1.92
N GLU A 288 -9.97 11.35 -0.66
CA GLU A 288 -8.56 11.46 -0.32
C GLU A 288 -8.23 10.26 0.54
N VAL A 289 -7.40 9.37 0.02
CA VAL A 289 -7.06 8.16 0.76
C VAL A 289 -5.59 8.17 1.17
N ASP A 290 -5.22 7.22 2.02
CA ASP A 290 -3.83 7.02 2.38
C ASP A 290 -3.30 5.74 1.75
N LYS A 291 -2.01 5.48 1.94
CA LYS A 291 -1.36 4.30 1.36
C LYS A 291 -1.88 3.02 2.00
N SER A 292 -2.73 3.17 2.99
CA SER A 292 -3.36 2.05 3.67
C SER A 292 -4.74 1.80 3.06
N GLY A 293 -5.14 2.69 2.17
CA GLY A 293 -6.39 2.56 1.45
C GLY A 293 -7.59 3.12 2.19
N ARG A 294 -7.32 3.84 3.27
CA ARG A 294 -8.37 4.37 4.12
C ARG A 294 -8.74 5.78 3.72
N VAL A 295 -9.97 6.16 3.97
CA VAL A 295 -10.46 7.48 3.59
C VAL A 295 -10.05 8.55 4.57
N VAL A 296 -9.22 9.47 4.09
CA VAL A 296 -8.76 10.62 4.89
C VAL A 296 -9.81 11.72 4.83
N ASP A 297 -10.43 11.87 3.66
CA ASP A 297 -11.52 12.82 3.51
C ASP A 297 -12.33 12.51 2.26
N VAL A 298 -13.46 13.17 2.14
CA VAL A 298 -14.32 12.90 1.01
C VAL A 298 -15.16 14.14 0.67
N TRP A 299 -15.22 14.48 -0.62
CA TRP A 299 -16.02 15.60 -1.09
C TRP A 299 -17.22 15.07 -1.81
N ASP A 300 -18.39 15.22 -1.22
CA ASP A 300 -19.65 14.91 -1.91
C ASP A 300 -20.11 16.10 -2.72
N LEU A 301 -20.00 16.00 -4.04
CA LEU A 301 -20.25 17.15 -4.88
C LEU A 301 -21.73 17.36 -5.10
N THR A 302 -22.53 16.36 -4.77
CA THR A 302 -23.97 16.52 -4.89
C THR A 302 -24.48 17.52 -3.88
N LYS A 303 -23.60 17.95 -2.98
CA LYS A 303 -23.99 18.86 -1.92
C LYS A 303 -23.04 20.02 -1.82
N ILE A 304 -22.07 20.10 -2.72
CA ILE A 304 -21.20 21.26 -2.74
C ILE A 304 -21.55 22.11 -3.92
N LEU A 305 -22.06 21.47 -4.97
CA LEU A 305 -22.45 22.20 -6.16
C LEU A 305 -23.92 22.00 -6.46
N ASP A 306 -24.26 22.07 -7.73
CA ASP A 306 -25.66 22.11 -8.14
C ASP A 306 -25.92 21.08 -9.22
N PRO A 307 -26.48 19.94 -8.83
CA PRO A 307 -26.82 18.85 -9.75
C PRO A 307 -28.05 19.15 -10.60
N LYS A 308 -28.59 20.35 -10.46
CA LYS A 308 -29.78 20.71 -11.19
C LYS A 308 -29.45 21.63 -12.37
N ARG A 309 -28.25 22.21 -12.37
CA ARG A 309 -27.85 23.14 -13.43
C ARG A 309 -27.65 22.47 -14.79
N ASP A 310 -28.51 22.83 -15.73
CA ASP A 310 -28.49 22.20 -17.04
C ASP A 310 -28.14 23.18 -18.14
N ALA A 311 -27.43 24.25 -17.78
CA ALA A 311 -27.00 25.24 -18.76
C ALA A 311 -26.10 24.59 -19.82
N LEU A 312 -25.16 23.77 -19.40
CA LEU A 312 -24.28 23.11 -20.35
C LEU A 312 -24.83 21.77 -20.78
N LEU A 313 -25.48 21.06 -19.86
CA LEU A 313 -25.97 19.72 -20.10
C LEU A 313 -26.88 19.60 -21.32
N GLY A 314 -27.65 20.64 -21.60
CA GLY A 314 -28.62 20.59 -22.67
C GLY A 314 -28.06 21.04 -23.99
N ALA A 315 -26.92 21.72 -23.93
CA ALA A 315 -26.28 22.30 -25.10
C ALA A 315 -25.28 21.36 -25.72
N LEU A 316 -25.54 20.06 -25.70
CA LEU A 316 -24.48 19.09 -25.97
C LEU A 316 -24.69 18.14 -27.15
N ASP A 317 -23.57 17.65 -27.68
CA ASP A 317 -23.57 16.71 -28.79
C ASP A 317 -23.81 15.29 -28.27
N ALA A 318 -24.85 14.64 -28.77
CA ALA A 318 -25.10 13.25 -28.43
C ALA A 318 -24.14 12.30 -29.13
N GLY A 319 -23.00 12.81 -29.58
CA GLY A 319 -21.99 11.97 -30.18
C GLY A 319 -21.04 11.47 -29.10
N ALA A 320 -20.71 12.36 -28.18
CA ALA A 320 -19.90 11.97 -27.05
C ALA A 320 -20.80 11.56 -25.88
N VAL A 321 -21.75 10.67 -26.17
CA VAL A 321 -22.56 10.06 -25.14
C VAL A 321 -21.66 9.19 -24.28
N CYS A 322 -21.70 7.90 -24.53
CA CYS A 322 -20.68 7.01 -24.03
C CYS A 322 -19.90 6.53 -25.22
N VAL A 323 -20.30 5.36 -25.72
CA VAL A 323 -19.79 4.85 -26.98
C VAL A 323 -20.26 5.71 -28.13
N ALA A 328 -23.91 8.00 -35.41
CA ALA A 328 -25.32 7.97 -35.79
C ALA A 328 -26.04 9.25 -35.38
N HIS A 329 -26.13 9.48 -34.06
CA HIS A 329 -26.77 10.69 -33.55
C HIS A 329 -25.74 11.74 -33.17
N ALA A 330 -24.59 11.69 -33.85
CA ALA A 330 -23.54 12.67 -33.66
C ALA A 330 -23.87 13.95 -34.41
N GLY A 331 -23.44 15.08 -33.86
CA GLY A 331 -23.77 16.38 -34.40
C GLY A 331 -24.97 16.96 -33.69
N GLN A 332 -25.92 16.08 -33.35
CA GLN A 332 -27.20 16.45 -32.76
C GLN A 332 -27.10 16.94 -31.31
N GLN A 333 -27.88 17.97 -30.97
CA GLN A 333 -27.84 18.56 -29.63
C GLN A 333 -28.59 17.70 -28.61
N ALA A 334 -28.09 17.72 -27.38
CA ALA A 334 -28.66 16.95 -26.28
C ALA A 334 -30.03 17.44 -25.88
N LYS A 335 -30.96 16.50 -25.75
CA LYS A 335 -32.30 16.81 -25.25
C LYS A 335 -32.57 16.10 -23.93
N LEU A 336 -32.50 16.85 -22.84
CA LEU A 336 -32.73 16.29 -21.53
C LEU A 336 -34.16 15.80 -21.39
N GLU A 337 -34.29 14.64 -20.76
CA GLU A 337 -35.59 14.10 -20.42
C GLU A 337 -35.73 14.00 -18.91
N PRO A 338 -36.94 14.28 -18.40
CA PRO A 338 -37.14 14.24 -16.95
C PRO A 338 -37.14 12.81 -16.44
N ASP A 339 -37.53 11.88 -17.29
CA ASP A 339 -37.64 10.48 -16.88
C ASP A 339 -36.42 9.69 -17.31
N THR A 340 -35.26 10.35 -17.35
CA THR A 340 -34.02 9.67 -17.72
C THR A 340 -33.63 8.69 -16.61
N PRO A 341 -33.66 7.38 -16.92
CA PRO A 341 -33.33 6.33 -15.94
C PRO A 341 -31.94 6.53 -15.35
N PHE A 342 -31.79 6.32 -14.04
CA PHE A 342 -30.53 6.51 -13.38
C PHE A 342 -29.47 5.65 -14.04
N GLY A 343 -28.25 6.17 -14.08
CA GLY A 343 -27.17 5.45 -14.73
C GLY A 343 -26.23 6.44 -15.36
N ASP A 344 -25.29 5.92 -16.13
CA ASP A 344 -24.34 6.76 -16.86
C ASP A 344 -25.04 7.31 -18.09
N ALA A 345 -25.78 8.37 -17.87
CA ALA A 345 -26.57 9.01 -18.90
C ALA A 345 -26.69 10.48 -18.57
N LEU A 346 -26.64 11.30 -19.60
CA LEU A 346 -26.67 12.75 -19.43
C LEU A 346 -28.00 13.15 -18.82
N GLY A 347 -27.93 14.00 -17.81
CA GLY A 347 -29.12 14.46 -17.13
C GLY A 347 -28.81 15.05 -15.78
N VAL A 348 -29.86 15.46 -15.07
CA VAL A 348 -29.68 16.08 -13.77
C VAL A 348 -29.90 15.10 -12.63
N GLY A 349 -29.40 15.49 -11.47
CA GLY A 349 -29.68 14.77 -10.25
C GLY A 349 -28.66 13.71 -9.91
N PRO A 350 -28.55 13.39 -8.62
CA PRO A 350 -27.68 12.30 -8.18
C PRO A 350 -28.16 10.98 -8.76
N GLY A 351 -27.27 10.25 -9.43
CA GLY A 351 -27.62 9.01 -10.10
C GLY A 351 -27.47 9.11 -11.60
N ARG A 352 -27.29 10.34 -12.07
CA ARG A 352 -27.13 10.62 -13.49
C ARG A 352 -25.87 11.43 -13.68
N ASN A 353 -25.36 11.47 -14.91
CA ASN A 353 -24.08 12.10 -15.17
C ASN A 353 -24.18 13.60 -15.27
N TRP A 354 -24.46 14.24 -14.15
CA TRP A 354 -24.74 15.67 -14.15
C TRP A 354 -23.45 16.48 -14.05
N ALA A 355 -22.37 15.84 -13.62
CA ALA A 355 -21.15 16.56 -13.30
C ALA A 355 -19.98 16.14 -14.17
N HIS A 356 -19.75 14.84 -14.26
CA HIS A 356 -18.63 14.28 -15.01
C HIS A 356 -17.33 14.99 -14.69
N VAL A 357 -16.92 14.98 -13.43
CA VAL A 357 -15.62 15.51 -13.07
C VAL A 357 -14.56 14.62 -13.69
N ASN A 358 -13.46 15.21 -14.13
CA ASN A 358 -12.47 14.44 -14.87
C ASN A 358 -11.07 14.96 -14.65
N SER A 359 -10.91 15.88 -13.71
CA SER A 359 -9.57 16.28 -13.33
C SER A 359 -9.52 16.76 -11.89
N ILE A 360 -8.44 16.40 -11.21
CA ILE A 360 -8.19 16.88 -9.87
C ILE A 360 -6.81 17.54 -9.75
N ALA A 361 -6.78 18.67 -9.08
CA ALA A 361 -5.55 19.36 -8.81
C ALA A 361 -5.49 19.72 -7.35
N TYR A 362 -4.39 19.39 -6.68
CA TYR A 362 -4.29 19.76 -5.30
C TYR A 362 -3.56 21.08 -5.17
N ASP A 363 -4.20 22.04 -4.52
CA ASP A 363 -3.56 23.31 -4.24
C ASP A 363 -2.94 23.29 -2.86
N ALA A 364 -1.64 23.06 -2.80
CA ALA A 364 -0.93 22.99 -1.54
C ALA A 364 -0.97 24.29 -0.80
N LYS A 365 -1.07 25.39 -1.52
CA LYS A 365 -0.94 26.71 -0.91
C LYS A 365 -2.03 26.96 0.14
N ASP A 366 -3.16 26.29 0.02
CA ASP A 366 -4.28 26.55 0.93
C ASP A 366 -5.17 25.35 1.25
N ASP A 367 -4.65 24.14 0.99
CA ASP A 367 -5.36 22.89 1.28
C ASP A 367 -6.72 22.84 0.61
N SER A 368 -6.72 23.06 -0.71
CA SER A 368 -7.93 23.04 -1.51
C SER A 368 -7.75 22.16 -2.72
N ILE A 369 -8.86 21.73 -3.30
CA ILE A 369 -8.78 20.94 -4.51
C ILE A 369 -9.37 21.72 -5.66
N ILE A 370 -8.95 21.38 -6.87
CA ILE A 370 -9.47 22.03 -8.05
C ILE A 370 -10.00 20.98 -8.99
N LEU A 371 -11.24 21.15 -9.41
CA LEU A 371 -11.88 20.14 -10.22
C LEU A 371 -12.30 20.66 -11.57
N SER A 372 -12.26 19.79 -12.56
CA SER A 372 -12.88 20.07 -13.82
C SER A 372 -14.13 19.24 -13.90
N SER A 373 -15.28 19.90 -13.95
CA SER A 373 -16.50 19.21 -14.30
C SER A 373 -16.74 19.48 -15.76
N ARG A 374 -16.86 18.39 -16.51
CA ARG A 374 -17.11 18.50 -17.92
C ARG A 374 -18.39 19.27 -18.16
N HIS A 375 -19.37 18.99 -17.32
CA HIS A 375 -20.72 19.45 -17.58
C HIS A 375 -21.09 20.68 -16.78
N GLN A 376 -20.15 21.26 -16.06
CA GLN A 376 -20.47 22.40 -15.21
C GLN A 376 -19.40 23.46 -15.24
N GLY A 377 -18.16 23.05 -15.41
CA GLY A 377 -17.06 24.00 -15.44
C GLY A 377 -15.98 23.65 -14.48
N VAL A 378 -15.26 24.67 -14.01
CA VAL A 378 -14.10 24.47 -13.16
C VAL A 378 -14.23 25.24 -11.86
N VAL A 379 -14.12 24.54 -10.75
CA VAL A 379 -14.31 25.13 -9.42
C VAL A 379 -13.13 24.87 -8.50
N LYS A 380 -13.03 25.66 -7.45
CA LYS A 380 -12.12 25.32 -6.38
C LYS A 380 -12.94 25.09 -5.11
N ILE A 381 -12.82 23.89 -4.54
CA ILE A 381 -13.50 23.60 -3.28
C ILE A 381 -12.46 23.48 -2.17
N GLY A 382 -12.79 24.03 -1.01
CA GLY A 382 -11.85 24.01 0.09
C GLY A 382 -11.78 22.68 0.82
N ARG A 383 -10.88 22.60 1.78
CA ARG A 383 -10.90 21.52 2.75
C ARG A 383 -12.19 21.63 3.54
N ASP A 384 -12.67 22.86 3.73
CA ASP A 384 -13.90 23.08 4.46
C ASP A 384 -15.14 22.75 3.64
N LYS A 385 -14.95 22.13 2.48
CA LYS A 385 -16.03 21.81 1.54
C LYS A 385 -16.81 23.04 1.04
N GLN A 386 -16.30 24.24 1.30
CA GLN A 386 -16.92 25.48 0.85
CA GLN A 386 -16.92 25.47 0.84
C GLN A 386 -16.38 25.89 -0.52
N VAL A 387 -17.27 26.15 -1.48
CA VAL A 387 -16.84 26.56 -2.82
C VAL A 387 -16.09 27.89 -2.75
N LYS A 388 -14.89 27.91 -3.29
CA LYS A 388 -14.05 29.08 -3.19
C LYS A 388 -14.13 29.97 -4.44
N TRP A 389 -14.08 29.37 -5.64
CA TRP A 389 -14.43 30.10 -6.87
C TRP A 389 -14.91 29.19 -8.00
N ILE A 390 -15.49 29.80 -9.03
CA ILE A 390 -15.93 29.09 -10.21
C ILE A 390 -15.49 29.78 -11.49
N LEU A 391 -15.05 29.00 -12.46
CA LEU A 391 -14.81 29.48 -13.81
C LEU A 391 -15.80 28.82 -14.75
N ALA A 392 -16.90 29.52 -15.02
CA ALA A 392 -17.94 29.01 -15.90
C ALA A 392 -18.78 30.17 -16.39
N PRO A 393 -19.46 30.01 -17.54
CA PRO A 393 -20.49 30.96 -17.96
C PRO A 393 -21.57 31.15 -16.88
N SER A 394 -21.94 32.39 -16.60
CA SER A 394 -22.77 32.70 -15.44
C SER A 394 -24.19 32.16 -15.50
N LYS A 395 -24.58 31.61 -16.65
CA LYS A 395 -25.94 31.10 -16.81
C LYS A 395 -26.20 29.84 -16.01
N GLY A 396 -27.38 29.76 -15.39
CA GLY A 396 -27.81 28.57 -14.68
C GLY A 396 -27.42 28.51 -13.21
N TRP A 397 -26.49 29.36 -12.80
CA TRP A 397 -26.02 29.35 -11.42
C TRP A 397 -26.89 30.20 -10.51
N GLU A 398 -27.42 29.60 -9.45
CA GLU A 398 -28.17 30.33 -8.42
C GLU A 398 -27.25 30.83 -7.34
N LYS A 399 -27.78 31.66 -6.45
CA LYS A 399 -27.05 31.94 -5.23
C LYS A 399 -27.11 30.65 -4.42
N PRO A 400 -26.10 30.40 -3.59
CA PRO A 400 -24.95 31.26 -3.31
C PRO A 400 -23.79 31.06 -4.27
N LEU A 401 -23.95 30.11 -5.19
CA LEU A 401 -22.89 29.72 -6.10
C LEU A 401 -22.54 30.86 -7.06
N ALA A 402 -23.56 31.57 -7.50
CA ALA A 402 -23.38 32.65 -8.46
C ALA A 402 -22.36 33.67 -7.97
N SER A 403 -22.35 33.92 -6.67
CA SER A 403 -21.45 34.90 -6.07
C SER A 403 -20.00 34.45 -6.11
N LYS A 404 -19.77 33.26 -6.61
CA LYS A 404 -18.45 32.66 -6.58
C LYS A 404 -17.80 32.69 -7.94
N LEU A 405 -18.61 32.89 -8.96
CA LEU A 405 -18.16 33.03 -10.33
C LEU A 405 -17.05 34.05 -10.45
N LEU A 406 -15.98 33.66 -11.13
CA LEU A 406 -14.88 34.56 -11.39
C LEU A 406 -15.29 35.55 -12.47
N LYS A 407 -14.74 36.76 -12.40
CA LYS A 407 -15.08 37.80 -13.36
C LYS A 407 -13.91 38.15 -14.28
N PRO A 408 -14.10 37.94 -15.59
CA PRO A 408 -13.05 38.13 -16.60
C PRO A 408 -12.54 39.56 -16.70
N VAL A 409 -11.22 39.74 -16.72
CA VAL A 409 -10.61 41.06 -16.87
C VAL A 409 -9.53 41.06 -17.96
N ASP A 410 -8.89 42.21 -18.18
CA ASP A 410 -7.82 42.32 -19.17
C ASP A 410 -6.44 42.32 -18.54
N ALA A 411 -5.44 42.75 -19.30
CA ALA A 411 -4.06 42.80 -18.82
C ALA A 411 -3.88 43.87 -17.76
N ASN A 412 -4.50 45.02 -17.99
CA ASN A 412 -4.52 46.10 -17.02
C ASN A 412 -5.60 45.86 -15.99
N GLY A 413 -6.23 44.70 -16.09
CA GLY A 413 -7.26 44.32 -15.14
C GLY A 413 -8.43 45.28 -15.19
N LYS A 414 -9.16 45.24 -16.29
CA LYS A 414 -10.43 45.94 -16.38
C LYS A 414 -11.46 45.02 -16.97
N PRO A 415 -12.69 45.09 -16.45
CA PRO A 415 -13.80 44.19 -16.78
C PRO A 415 -13.89 43.87 -18.25
N ILE A 416 -14.25 42.64 -18.57
CA ILE A 416 -14.53 42.23 -19.93
C ILE A 416 -16.00 41.85 -20.03
N THR A 417 -16.64 42.20 -21.14
CA THR A 417 -18.05 41.95 -21.26
C THR A 417 -18.33 40.64 -21.94
N CYS A 418 -18.98 39.76 -21.21
CA CYS A 418 -19.35 38.48 -21.75
C CYS A 418 -20.77 38.24 -21.36
N ASN A 419 -21.56 37.76 -22.29
CA ASN A 419 -22.95 37.52 -22.00
C ASN A 419 -23.08 36.33 -21.07
N GLU A 420 -24.30 35.88 -20.88
CA GLU A 420 -24.52 34.79 -19.95
C GLU A 420 -24.10 33.45 -20.53
N ASN A 421 -23.71 33.43 -21.79
CA ASN A 421 -23.35 32.16 -22.41
C ASN A 421 -21.86 31.92 -22.47
N GLY A 422 -21.09 32.91 -22.05
CA GLY A 422 -19.65 32.82 -22.07
C GLY A 422 -19.05 33.57 -23.25
N LEU A 423 -19.91 34.06 -24.13
CA LEU A 423 -19.46 34.82 -25.27
C LEU A 423 -19.04 36.21 -24.86
N CYS A 424 -17.76 36.50 -25.05
CA CYS A 424 -17.23 37.79 -24.66
C CYS A 424 -17.10 38.64 -25.90
N GLU A 425 -16.95 39.95 -25.71
CA GLU A 425 -16.78 40.85 -26.85
C GLU A 425 -15.59 41.76 -26.62
N ASN A 426 -14.87 42.06 -27.69
CA ASN A 426 -13.69 42.94 -27.68
C ASN A 426 -12.45 42.35 -26.96
N SER A 427 -12.43 41.03 -26.78
CA SER A 427 -11.23 40.32 -26.30
C SER A 427 -11.15 38.90 -26.83
N ASP A 428 -9.96 38.31 -26.70
CA ASP A 428 -9.75 36.91 -27.06
C ASP A 428 -10.22 35.97 -25.95
N PHE A 429 -10.62 36.54 -24.81
CA PHE A 429 -11.06 35.76 -23.65
C PHE A 429 -12.21 34.86 -24.03
N ASP A 430 -12.12 33.62 -23.56
CA ASP A 430 -13.20 32.66 -23.70
C ASP A 430 -13.15 31.71 -22.53
N PHE A 431 -14.32 31.27 -22.07
CA PHE A 431 -14.40 30.28 -21.02
C PHE A 431 -14.08 28.90 -21.60
N THR A 432 -13.98 27.88 -20.75
CA THR A 432 -13.68 26.54 -21.21
C THR A 432 -14.93 25.69 -21.22
N TYR A 433 -15.06 24.81 -22.19
CA TYR A 433 -16.31 24.10 -22.41
C TYR A 433 -16.13 22.60 -22.57
N THR A 434 -16.68 21.83 -21.61
CA THR A 434 -16.50 20.38 -21.54
C THR A 434 -15.03 20.02 -21.44
N GLN A 435 -14.33 20.86 -20.70
CA GLN A 435 -12.89 20.85 -20.68
C GLN A 435 -12.30 19.61 -20.01
N ASN A 436 -10.99 19.49 -20.06
CA ASN A 436 -10.28 18.47 -19.31
C ASN A 436 -9.08 19.04 -18.59
N THR A 437 -8.44 18.18 -17.81
CA THR A 437 -7.24 18.48 -17.03
C THR A 437 -7.03 19.94 -16.66
N ALA A 438 -7.77 20.38 -15.66
CA ALA A 438 -7.60 21.69 -15.05
C ALA A 438 -6.54 21.65 -13.96
N TRP A 439 -5.26 21.82 -14.32
CA TRP A 439 -4.20 21.64 -13.34
C TRP A 439 -3.47 22.94 -13.05
N ILE A 440 -2.70 22.94 -11.96
CA ILE A 440 -1.87 24.08 -11.62
C ILE A 440 -0.52 23.91 -12.26
N SER A 441 0.03 24.98 -12.81
CA SER A 441 1.30 24.90 -13.51
C SER A 441 2.43 25.34 -12.61
N SER A 442 3.65 25.02 -13.01
CA SER A 442 4.85 25.37 -12.25
C SER A 442 4.92 26.86 -11.96
N LYS A 443 4.34 27.66 -12.84
CA LYS A 443 4.34 29.11 -12.67
C LYS A 443 3.26 29.47 -11.68
N GLY A 444 2.31 28.57 -11.48
CA GLY A 444 1.26 28.79 -10.51
C GLY A 444 -0.01 29.24 -11.17
N THR A 445 -0.17 28.91 -12.44
CA THR A 445 -1.34 29.33 -13.19
C THR A 445 -2.24 28.14 -13.47
N LEU A 446 -3.43 28.41 -13.97
CA LEU A 446 -4.35 27.33 -14.26
C LEU A 446 -4.36 27.00 -15.75
N THR A 447 -3.89 25.80 -16.07
CA THR A 447 -3.92 25.34 -17.44
C THR A 447 -5.06 24.37 -17.64
N ILE A 448 -5.72 24.47 -18.78
CA ILE A 448 -6.92 23.67 -19.05
C ILE A 448 -6.89 23.15 -20.48
N PHE A 449 -7.47 21.99 -20.72
CA PHE A 449 -7.76 21.58 -22.09
C PHE A 449 -9.22 21.83 -22.42
N ASP A 450 -9.45 22.89 -23.19
CA ASP A 450 -10.78 23.33 -23.59
C ASP A 450 -11.29 22.53 -24.78
N ASN A 451 -11.77 21.32 -24.51
CA ASN A 451 -12.23 20.42 -25.55
C ASN A 451 -13.17 21.11 -26.52
N GLY A 452 -14.07 21.93 -25.97
CA GLY A 452 -14.83 22.88 -26.74
C GLY A 452 -16.18 22.44 -27.24
N ASP A 453 -16.69 21.32 -26.75
CA ASP A 453 -18.05 20.91 -27.12
C ASP A 453 -19.06 21.80 -26.37
N GLY A 454 -20.20 22.06 -26.98
CA GLY A 454 -21.20 22.96 -26.43
C GLY A 454 -20.61 24.31 -26.11
N ARG A 455 -19.74 24.80 -26.98
CA ARG A 455 -19.11 26.08 -26.74
C ARG A 455 -20.15 27.19 -26.81
N HIS A 456 -20.02 28.15 -25.90
CA HIS A 456 -20.97 29.23 -25.73
C HIS A 456 -22.37 28.69 -25.52
N LEU A 457 -22.43 27.49 -24.96
CA LEU A 457 -23.65 26.86 -24.49
C LEU A 457 -24.67 26.66 -25.60
N GLU A 458 -24.20 26.24 -26.77
CA GLU A 458 -25.08 25.79 -27.83
C GLU A 458 -24.32 24.94 -28.82
N GLN A 459 -25.05 24.16 -29.60
CA GLN A 459 -24.49 23.51 -30.77
C GLN A 459 -24.41 24.54 -31.89
N PRO A 460 -23.39 24.45 -32.76
CA PRO A 460 -23.24 25.46 -33.80
C PRO A 460 -24.05 25.10 -35.03
N ALA A 461 -24.08 26.03 -35.99
CA ALA A 461 -24.76 25.81 -37.25
C ALA A 461 -24.39 24.49 -37.88
N LEU A 462 -23.09 24.29 -38.07
CA LEU A 462 -22.61 23.09 -38.71
C LEU A 462 -21.65 22.31 -37.83
N PRO A 463 -21.65 20.98 -37.95
CA PRO A 463 -20.91 20.09 -37.05
C PRO A 463 -19.43 20.41 -37.00
N THR A 464 -18.88 20.76 -38.16
CA THR A 464 -17.47 20.99 -38.26
C THR A 464 -17.06 22.30 -37.62
N MET A 465 -18.04 23.09 -37.22
CA MET A 465 -17.76 24.41 -36.66
C MET A 465 -17.34 24.34 -35.20
N LYS A 466 -16.44 23.40 -34.91
CA LYS A 466 -15.99 23.13 -33.53
C LYS A 466 -14.47 23.18 -33.45
N TYR A 467 -13.94 23.60 -32.30
CA TYR A 467 -12.50 23.66 -32.12
C TYR A 467 -12.08 23.53 -30.66
N SER A 468 -10.86 23.04 -30.43
CA SER A 468 -10.33 22.88 -29.09
C SER A 468 -9.25 23.91 -28.84
N ARG A 469 -8.98 24.21 -27.58
CA ARG A 469 -7.88 25.10 -27.23
C ARG A 469 -6.96 24.50 -26.17
N PHE A 470 -5.70 24.92 -26.18
CA PHE A 470 -4.86 24.87 -25.00
C PHE A 470 -5.13 26.23 -24.35
N VAL A 471 -5.36 26.32 -23.04
CA VAL A 471 -5.58 27.65 -22.45
C VAL A 471 -5.10 27.78 -21.00
N GLU A 472 -4.56 28.95 -20.67
CA GLU A 472 -3.99 29.22 -19.36
C GLU A 472 -4.53 30.50 -18.77
N TYR A 473 -5.04 30.41 -17.55
CA TYR A 473 -5.61 31.57 -16.88
C TYR A 473 -4.84 31.99 -15.66
N LYS A 474 -4.88 33.28 -15.38
CA LYS A 474 -4.34 33.76 -14.13
C LYS A 474 -5.48 34.28 -13.26
N ILE A 475 -5.55 33.79 -12.03
CA ILE A 475 -6.62 34.13 -11.11
C ILE A 475 -6.16 34.95 -9.92
N ASP A 476 -6.91 36.01 -9.62
CA ASP A 476 -6.72 36.76 -8.40
C ASP A 476 -7.84 36.38 -7.46
N GLU A 477 -7.56 35.40 -6.62
CA GLU A 477 -8.56 34.82 -5.75
C GLU A 477 -9.09 35.87 -4.78
N LYS A 478 -8.24 36.81 -4.41
CA LYS A 478 -8.60 37.84 -3.44
C LYS A 478 -9.62 38.83 -4.02
N LYS A 479 -9.77 38.83 -5.34
CA LYS A 479 -10.66 39.78 -6.00
C LYS A 479 -11.70 39.09 -6.87
N GLY A 480 -11.45 37.84 -7.23
CA GLY A 480 -12.42 37.05 -7.97
C GLY A 480 -12.29 37.21 -9.47
N THR A 481 -11.14 37.72 -9.90
CA THR A 481 -10.91 38.01 -11.30
C THR A 481 -10.09 36.91 -11.93
N VAL A 482 -10.46 36.53 -13.14
CA VAL A 482 -9.71 35.55 -13.89
C VAL A 482 -9.21 36.21 -15.17
N GLN A 483 -7.98 35.88 -15.55
CA GLN A 483 -7.36 36.49 -16.72
C GLN A 483 -6.77 35.45 -17.66
N GLN A 484 -7.29 35.36 -18.88
CA GLN A 484 -6.72 34.48 -19.88
C GLN A 484 -5.35 35.00 -20.26
N VAL A 485 -4.33 34.17 -20.21
CA VAL A 485 -2.98 34.64 -20.53
C VAL A 485 -2.24 33.84 -21.58
N TRP A 486 -2.91 32.90 -22.24
CA TRP A 486 -2.27 32.05 -23.22
C TRP A 486 -3.27 31.14 -23.86
N GLU A 487 -3.06 30.80 -25.13
CA GLU A 487 -3.95 29.88 -25.80
C GLU A 487 -3.37 29.39 -27.12
N TYR A 488 -3.89 28.27 -27.61
CA TYR A 488 -3.43 27.71 -28.87
C TYR A 488 -4.45 26.68 -29.35
N GLY A 489 -4.67 26.61 -30.66
CA GLY A 489 -5.52 25.58 -31.23
C GLY A 489 -6.82 26.13 -31.79
N LYS A 490 -7.04 27.40 -31.53
CA LYS A 490 -8.20 28.12 -32.03
C LYS A 490 -8.25 28.08 -33.56
N GLU A 491 -7.11 28.37 -34.18
CA GLU A 491 -7.02 28.53 -35.62
C GLU A 491 -6.92 27.21 -36.35
N ARG A 492 -6.88 26.12 -35.62
CA ARG A 492 -6.49 24.87 -36.24
C ARG A 492 -7.70 24.04 -36.62
N GLY A 493 -8.86 24.53 -36.22
CA GLY A 493 -10.11 24.00 -36.71
C GLY A 493 -10.50 22.64 -36.20
N TYR A 494 -11.33 21.97 -37.00
CA TYR A 494 -11.95 20.72 -36.62
C TYR A 494 -10.96 19.58 -36.63
N ASP A 495 -9.87 19.76 -37.36
CA ASP A 495 -8.83 18.75 -37.41
C ASP A 495 -7.97 18.78 -36.17
N PHE A 496 -8.20 19.74 -35.30
CA PHE A 496 -7.47 19.84 -34.04
C PHE A 496 -8.45 19.71 -32.88
N TYR A 497 -9.59 19.12 -33.17
CA TYR A 497 -10.69 19.17 -32.26
C TYR A 497 -10.90 17.84 -31.59
N SER A 498 -10.75 17.84 -30.26
CA SER A 498 -10.99 16.65 -29.45
C SER A 498 -12.18 16.88 -28.55
N PRO A 499 -13.29 16.20 -28.85
CA PRO A 499 -14.53 16.39 -28.13
C PRO A 499 -14.43 15.89 -26.68
N ILE A 500 -13.66 14.83 -26.48
CA ILE A 500 -13.52 14.25 -25.16
C ILE A 500 -12.07 14.07 -24.74
N THR A 501 -11.89 13.53 -23.53
CA THR A 501 -10.59 13.28 -22.92
C THR A 501 -9.62 14.42 -23.17
N SER A 502 -8.35 14.05 -23.33
CA SER A 502 -7.23 14.94 -23.69
C SER A 502 -6.63 15.69 -22.49
N ILE A 503 -5.53 16.40 -22.75
CA ILE A 503 -4.60 16.84 -21.71
C ILE A 503 -3.63 17.94 -22.17
N ILE A 504 -3.38 18.96 -21.35
CA ILE A 504 -2.22 19.82 -21.52
C ILE A 504 -1.45 20.01 -20.22
N GLU A 505 -0.16 20.34 -20.31
CA GLU A 505 0.68 20.61 -19.15
C GLU A 505 1.91 21.46 -19.51
N TYR A 506 2.08 22.59 -18.84
CA TYR A 506 3.25 23.44 -19.07
C TYR A 506 4.55 22.75 -18.68
N GLN A 507 5.60 22.99 -19.47
CA GLN A 507 6.93 22.46 -19.19
C GLN A 507 7.95 23.59 -19.09
N ALA A 508 8.37 23.91 -17.88
CA ALA A 508 9.30 25.02 -17.70
C ALA A 508 10.67 24.71 -18.23
N ASP A 509 10.96 23.44 -18.45
CA ASP A 509 12.32 23.03 -18.80
C ASP A 509 12.73 23.51 -20.19
N ARG A 510 11.78 23.59 -21.11
CA ARG A 510 12.07 24.05 -22.45
C ARG A 510 11.05 25.08 -22.88
N ASN A 511 10.33 25.59 -21.89
CA ASN A 511 9.40 26.67 -22.06
C ASN A 511 8.36 26.32 -23.10
N THR A 512 7.84 25.11 -23.05
CA THR A 512 6.83 24.68 -24.00
C THR A 512 5.49 24.34 -23.35
N MET A 513 4.48 24.14 -24.19
CA MET A 513 3.21 23.67 -23.71
C MET A 513 3.02 22.27 -24.24
N PHE A 514 2.87 21.32 -23.33
CA PHE A 514 2.65 19.95 -23.76
C PHE A 514 1.16 19.75 -23.92
N GLY A 515 0.77 18.98 -24.91
CA GLY A 515 -0.63 18.72 -25.14
C GLY A 515 -0.84 17.39 -25.81
N PHE A 516 -2.04 16.85 -25.68
CA PHE A 516 -2.44 15.63 -26.37
C PHE A 516 -3.94 15.65 -26.59
N GLY A 517 -4.35 15.69 -27.84
CA GLY A 517 -5.75 15.59 -28.18
C GLY A 517 -6.07 14.14 -28.45
N GLY A 518 -6.98 13.59 -27.65
CA GLY A 518 -7.20 12.17 -27.63
C GLY A 518 -8.22 11.64 -28.62
N SER A 519 -8.98 12.54 -29.23
CA SER A 519 -10.15 12.12 -29.99
C SER A 519 -10.39 12.93 -31.25
N ILE A 520 -9.32 13.33 -31.92
CA ILE A 520 -9.42 13.97 -33.21
C ILE A 520 -9.95 13.00 -34.26
N HIS A 521 -10.99 13.42 -34.99
CA HIS A 521 -11.66 12.60 -35.99
C HIS A 521 -12.32 11.39 -35.38
N LEU A 522 -12.71 11.52 -34.12
CA LEU A 522 -13.41 10.47 -33.41
C LEU A 522 -14.65 10.05 -34.16
N PHE A 523 -15.34 11.04 -34.72
CA PHE A 523 -16.62 10.82 -35.35
C PHE A 523 -16.51 10.47 -36.82
N ASP A 524 -15.32 10.57 -37.38
CA ASP A 524 -15.11 10.14 -38.75
C ASP A 524 -15.33 8.63 -38.84
N VAL A 525 -16.48 8.24 -39.33
CA VAL A 525 -16.87 6.84 -39.37
C VAL A 525 -15.97 5.99 -40.23
N GLY A 526 -15.50 4.88 -39.67
CA GLY A 526 -14.62 3.98 -40.39
C GLY A 526 -13.18 4.42 -40.32
N GLN A 527 -12.93 5.59 -39.75
CA GLN A 527 -11.57 6.10 -39.68
C GLN A 527 -10.95 5.93 -38.29
N PRO A 528 -9.65 5.62 -38.25
CA PRO A 528 -8.93 5.61 -36.99
C PRO A 528 -9.00 6.96 -36.29
N THR A 529 -8.95 6.95 -34.98
CA THR A 529 -9.02 8.17 -34.19
C THR A 529 -7.60 8.62 -33.91
N VAL A 530 -7.40 9.93 -33.85
CA VAL A 530 -6.06 10.48 -33.83
C VAL A 530 -5.72 11.00 -32.46
N GLY A 531 -4.62 10.53 -31.91
CA GLY A 531 -4.11 11.07 -30.67
C GLY A 531 -2.86 11.85 -30.97
N LYS A 532 -2.92 13.16 -30.80
CA LYS A 532 -1.89 14.02 -31.32
C LYS A 532 -1.07 14.61 -30.20
N LEU A 533 0.19 14.22 -30.10
CA LEU A 533 1.10 14.77 -29.13
C LEU A 533 1.72 16.09 -29.62
N ASN A 534 1.76 17.09 -28.75
CA ASN A 534 2.29 18.39 -29.15
C ASN A 534 3.12 19.08 -28.10
N GLU A 535 4.23 19.65 -28.52
CA GLU A 535 4.88 20.65 -27.70
C GLU A 535 4.88 21.95 -28.47
N ILE A 536 4.48 23.01 -27.79
CA ILE A 536 4.31 24.32 -28.37
C ILE A 536 5.21 25.29 -27.64
N ASP A 537 6.15 25.93 -28.33
CA ASP A 537 7.01 26.88 -27.64
C ASP A 537 6.13 27.96 -27.01
N TYR A 538 6.38 28.22 -25.74
CA TYR A 538 5.55 29.12 -24.96
C TYR A 538 5.64 30.54 -25.49
N LYS A 539 6.83 30.94 -25.89
CA LYS A 539 7.07 32.31 -26.31
C LYS A 539 6.54 32.60 -27.72
N THR A 540 6.73 31.64 -28.63
CA THR A 540 6.53 31.89 -30.06
C THR A 540 5.37 31.14 -30.69
N LYS A 541 4.78 30.22 -29.95
CA LYS A 541 3.74 29.34 -30.47
C LYS A 541 4.20 28.54 -31.68
N GLU A 542 5.51 28.35 -31.81
CA GLU A 542 6.04 27.43 -32.81
C GLU A 542 5.77 26.00 -32.36
N VAL A 543 5.44 25.13 -33.30
CA VAL A 543 5.25 23.71 -33.01
C VAL A 543 6.59 23.00 -32.88
N LYS A 544 7.00 22.68 -31.66
CA LYS A 544 8.29 22.05 -31.45
C LYS A 544 8.22 20.54 -31.68
N VAL A 545 7.09 19.94 -31.34
CA VAL A 545 6.85 18.53 -31.59
C VAL A 545 5.42 18.33 -32.03
N GLU A 546 5.19 17.38 -32.92
CA GLU A 546 3.85 16.96 -33.25
C GLU A 546 3.88 15.53 -33.71
N ILE A 547 3.28 14.63 -32.94
CA ILE A 547 3.21 13.23 -33.33
C ILE A 547 1.82 12.65 -33.19
N ASP A 548 1.39 11.93 -34.21
CA ASP A 548 0.05 11.39 -34.24
C ASP A 548 0.04 9.92 -33.91
N VAL A 549 -0.89 9.52 -33.05
CA VAL A 549 -1.07 8.12 -32.76
C VAL A 549 -2.42 7.72 -33.30
N LEU A 550 -2.48 6.63 -34.06
CA LEU A 550 -3.73 6.25 -34.69
C LEU A 550 -4.31 5.02 -34.05
N SER A 551 -5.59 5.08 -33.70
CA SER A 551 -6.21 3.97 -32.99
C SER A 551 -6.19 2.73 -33.89
N ASP A 552 -6.14 1.56 -33.25
CA ASP A 552 -5.95 0.29 -33.92
C ASP A 552 -7.27 -0.27 -34.42
N LYS A 553 -8.34 0.35 -33.98
CA LYS A 553 -9.68 0.06 -34.46
C LYS A 553 -10.30 1.42 -34.76
N PRO A 554 -11.32 1.45 -35.64
CA PRO A 554 -11.97 2.73 -35.97
C PRO A 554 -12.78 3.35 -34.83
N ASN A 555 -12.66 4.67 -34.67
CA ASN A 555 -13.50 5.44 -33.77
C ASN A 555 -13.32 4.96 -32.34
N GLN A 556 -12.08 5.02 -31.90
CA GLN A 556 -11.67 4.45 -30.65
C GLN A 556 -10.83 5.46 -29.91
N THR A 557 -11.45 6.22 -29.02
CA THR A 557 -10.77 7.36 -28.43
C THR A 557 -9.53 6.96 -27.61
N HIS A 558 -8.61 7.90 -27.49
CA HIS A 558 -7.49 7.79 -26.58
C HIS A 558 -7.88 8.56 -25.34
N TYR A 559 -7.14 8.43 -24.24
CA TYR A 559 -7.48 9.25 -23.08
C TYR A 559 -6.49 10.37 -22.80
N ARG A 560 -5.26 10.01 -22.47
CA ARG A 560 -4.22 10.97 -22.13
C ARG A 560 -2.83 10.49 -22.51
N ALA A 561 -1.86 11.37 -22.35
CA ALA A 561 -0.47 11.02 -22.49
C ALA A 561 0.39 11.84 -21.52
N LEU A 562 1.57 11.34 -21.20
CA LEU A 562 2.44 12.04 -20.27
C LEU A 562 3.79 12.28 -20.86
N LEU A 563 4.42 13.37 -20.43
CA LEU A 563 5.80 13.62 -20.76
C LEU A 563 6.70 13.08 -19.66
N VAL A 564 7.32 11.96 -19.96
CA VAL A 564 8.08 11.23 -18.98
C VAL A 564 9.56 11.58 -19.08
N ARG A 565 10.24 11.66 -17.94
CA ARG A 565 11.66 11.92 -17.91
C ARG A 565 12.40 10.77 -17.20
N PRO A 566 13.17 9.98 -17.97
CA PRO A 566 13.94 8.84 -17.50
C PRO A 566 14.97 9.19 -16.42
N GLN A 567 15.36 10.45 -16.33
CA GLN A 567 16.26 10.89 -15.29
C GLN A 567 15.57 10.76 -13.94
N GLN A 568 14.24 10.67 -13.96
CA GLN A 568 13.44 10.70 -12.74
C GLN A 568 12.80 9.37 -12.42
N MET A 569 12.99 8.37 -13.27
CA MET A 569 12.28 7.13 -13.10
C MET A 569 12.83 6.22 -12.01
N PHE A 570 14.11 6.35 -11.69
CA PHE A 570 14.70 5.51 -10.65
C PHE A 570 15.43 6.32 -9.59
N LYS A 571 14.66 6.70 -8.57
CA LYS A 571 15.14 7.42 -7.41
C LYS A 571 16.31 6.72 -6.73
CA ALA B 1 -36.78 -10.49 -9.28
C ALA B 1 -35.50 -11.01 -8.62
N GLY B 2 -34.71 -10.09 -8.08
CA GLY B 2 -33.49 -10.47 -7.38
C GLY B 2 -33.69 -10.52 -5.88
N PHE B 3 -32.67 -10.12 -5.13
CA PHE B 3 -32.75 -10.04 -3.67
C PHE B 3 -32.26 -8.72 -3.16
N LYS B 4 -32.97 -8.18 -2.19
CA LYS B 4 -32.67 -6.86 -1.69
C LYS B 4 -31.57 -6.90 -0.66
N PRO B 5 -30.89 -5.78 -0.45
CA PRO B 5 -29.97 -5.75 0.67
C PRO B 5 -30.71 -5.88 1.99
N ALA B 6 -29.94 -5.84 3.06
CA ALA B 6 -30.56 -5.86 4.36
C ALA B 6 -31.16 -4.49 4.57
N PRO B 7 -32.36 -4.44 5.16
CA PRO B 7 -33.01 -3.19 5.54
C PRO B 7 -32.40 -2.67 6.81
N PRO B 8 -32.57 -1.37 7.09
CA PRO B 8 -31.93 -0.80 8.28
C PRO B 8 -32.36 -1.48 9.54
N ALA B 9 -31.49 -1.51 10.54
CA ALA B 9 -31.79 -2.17 11.80
C ALA B 9 -32.34 -1.19 12.83
N GLY B 10 -32.15 0.09 12.57
CA GLY B 10 -32.56 1.12 13.50
C GLY B 10 -32.66 2.44 12.81
N GLN B 11 -31.95 3.43 13.35
CA GLN B 11 -32.05 4.79 12.87
C GLN B 11 -30.98 5.12 11.85
N LEU B 12 -30.19 4.11 11.49
CA LEU B 12 -29.22 4.20 10.41
C LEU B 12 -29.45 3.09 9.42
N GLY B 13 -28.37 2.48 8.93
CA GLY B 13 -28.50 1.47 7.90
C GLY B 13 -28.65 0.08 8.50
N ALA B 14 -28.38 -0.94 7.69
CA ALA B 14 -28.37 -2.29 8.20
C ALA B 14 -27.17 -2.50 9.10
N VAL B 15 -27.17 -3.60 9.86
CA VAL B 15 -26.01 -3.96 10.66
C VAL B 15 -25.45 -5.28 10.13
N ILE B 16 -24.26 -5.24 9.54
CA ILE B 16 -23.71 -6.41 8.88
C ILE B 16 -22.66 -7.10 9.71
N VAL B 17 -22.76 -8.41 9.83
CA VAL B 17 -21.77 -9.16 10.58
C VAL B 17 -20.65 -9.55 9.63
N ASP B 18 -19.43 -9.19 10.02
CA ASP B 18 -18.24 -9.63 9.33
C ASP B 18 -18.22 -9.08 7.91
N PRO B 19 -18.19 -7.74 7.78
CA PRO B 19 -18.24 -7.11 6.48
C PRO B 19 -17.12 -7.57 5.54
N TYR B 20 -15.86 -7.46 5.96
CA TYR B 20 -14.77 -7.83 5.10
C TYR B 20 -14.56 -9.32 5.03
N GLY B 21 -15.19 -10.05 5.95
CA GLY B 21 -15.17 -11.50 5.87
C GLY B 21 -14.01 -12.20 6.55
N ASN B 22 -13.18 -11.44 7.25
CA ASN B 22 -12.01 -12.01 7.93
C ASN B 22 -12.07 -11.93 9.45
N ALA B 23 -13.11 -11.29 9.96
CA ALA B 23 -13.25 -11.10 11.39
C ALA B 23 -14.69 -11.38 11.82
N PRO B 24 -15.00 -12.64 12.16
CA PRO B 24 -16.38 -13.05 12.44
C PRO B 24 -17.00 -12.46 13.71
N LEU B 25 -16.20 -11.91 14.60
CA LEU B 25 -16.71 -11.35 15.84
C LEU B 25 -16.74 -9.84 15.76
N THR B 26 -16.90 -9.33 14.54
CA THR B 26 -17.13 -7.92 14.31
C THR B 26 -18.35 -7.72 13.45
N ALA B 27 -18.78 -6.47 13.37
CA ALA B 27 -19.95 -6.15 12.61
C ALA B 27 -19.90 -4.68 12.27
N LEU B 28 -20.72 -4.25 11.34
CA LEU B 28 -20.71 -2.87 10.90
C LEU B 28 -22.13 -2.29 10.81
N VAL B 29 -22.33 -1.13 11.42
CA VAL B 29 -23.58 -0.40 11.29
C VAL B 29 -23.47 0.48 10.05
N ASP B 30 -24.20 0.15 8.98
CA ASP B 30 -24.06 0.90 7.75
C ASP B 30 -24.61 2.32 7.87
N LEU B 31 -23.93 3.28 7.25
CA LEU B 31 -24.24 4.67 7.41
C LEU B 31 -25.53 5.03 6.72
N ASP B 32 -25.76 4.40 5.58
CA ASP B 32 -26.91 4.69 4.72
C ASP B 32 -27.11 6.21 4.51
N SER B 33 -26.01 6.90 4.24
CA SER B 33 -26.01 8.31 3.86
C SER B 33 -26.35 9.27 4.99
N HIS B 34 -26.29 8.80 6.23
CA HIS B 34 -26.53 9.70 7.35
C HIS B 34 -25.28 10.45 7.74
N VAL B 35 -25.43 11.73 8.01
CA VAL B 35 -24.30 12.54 8.44
C VAL B 35 -24.28 12.57 9.96
N ILE B 36 -23.37 11.82 10.55
CA ILE B 36 -23.33 11.68 12.00
C ILE B 36 -21.96 12.07 12.57
N SER B 37 -21.88 12.15 13.89
CA SER B 37 -20.65 12.56 14.56
C SER B 37 -20.71 12.16 16.02
N ASP B 38 -19.61 12.34 16.74
CA ASP B 38 -19.56 12.03 18.16
CA ASP B 38 -19.53 12.04 18.17
C ASP B 38 -20.03 10.62 18.41
N VAL B 39 -19.46 9.68 17.68
CA VAL B 39 -19.93 8.32 17.74
C VAL B 39 -19.29 7.54 18.89
N LYS B 40 -20.07 6.67 19.50
CA LYS B 40 -19.61 5.79 20.57
C LYS B 40 -20.23 4.40 20.41
N VAL B 41 -19.44 3.35 20.63
CA VAL B 41 -19.99 2.01 20.61
C VAL B 41 -19.82 1.32 21.96
N THR B 42 -20.84 0.58 22.39
CA THR B 42 -20.76 -0.20 23.61
C THR B 42 -21.27 -1.61 23.40
N VAL B 43 -20.38 -2.58 23.59
CA VAL B 43 -20.75 -3.98 23.55
C VAL B 43 -20.88 -4.46 24.98
N HIS B 44 -22.05 -4.95 25.33
CA HIS B 44 -22.32 -5.30 26.71
C HIS B 44 -21.76 -6.67 27.06
N GLY B 45 -21.35 -6.83 28.30
CA GLY B 45 -20.82 -8.08 28.79
C GLY B 45 -21.84 -9.18 28.77
N LYS B 46 -21.36 -10.41 28.61
CA LYS B 46 -22.18 -11.61 28.65
C LYS B 46 -22.27 -12.14 30.07
N GLY B 47 -23.48 -12.32 30.55
CA GLY B 47 -23.67 -12.81 31.90
C GLY B 47 -23.40 -11.73 32.94
N GLU B 48 -22.97 -12.18 34.10
CA GLU B 48 -23.03 -11.39 35.31
C GLU B 48 -21.70 -10.69 35.61
N LYS B 49 -20.62 -11.30 35.17
CA LYS B 49 -19.30 -10.71 35.34
C LYS B 49 -18.67 -10.45 33.98
N GLY B 50 -19.50 -10.57 32.94
CA GLY B 50 -19.08 -10.33 31.57
C GLY B 50 -18.48 -8.95 31.38
N VAL B 51 -17.38 -8.89 30.65
CA VAL B 51 -16.64 -7.65 30.46
C VAL B 51 -17.22 -6.83 29.33
N GLU B 52 -17.44 -5.55 29.60
CA GLU B 52 -17.98 -4.62 28.61
C GLU B 52 -16.88 -3.92 27.82
N ILE B 53 -17.05 -3.85 26.50
CA ILE B 53 -16.13 -3.11 25.66
C ILE B 53 -16.83 -1.91 25.05
N SER B 54 -16.22 -0.75 25.23
CA SER B 54 -16.81 0.50 24.80
C SER B 54 -15.74 1.35 24.19
N TYR B 55 -16.07 2.06 23.11
CA TYR B 55 -15.07 2.87 22.44
C TYR B 55 -15.69 3.95 21.57
N PRO B 56 -14.94 5.04 21.39
CA PRO B 56 -15.30 6.06 20.40
C PRO B 56 -14.96 5.60 18.98
N VAL B 57 -15.61 6.17 17.98
CA VAL B 57 -15.27 5.96 16.58
C VAL B 57 -15.08 7.32 15.89
N GLY B 58 -13.91 7.54 15.33
CA GLY B 58 -13.57 8.81 14.71
C GLY B 58 -14.02 8.99 13.27
N GLN B 59 -13.86 10.21 12.75
CA GLN B 59 -14.32 10.51 11.40
C GLN B 59 -13.63 9.76 10.27
N GLU B 60 -12.37 9.35 10.39
CA GLU B 60 -11.74 8.62 9.30
C GLU B 60 -12.30 7.22 9.13
N SER B 61 -12.83 6.67 10.20
CA SER B 61 -13.29 5.30 10.23
C SER B 61 -14.64 5.15 9.54
N LEU B 62 -15.56 6.03 9.89
CA LEU B 62 -16.88 6.06 9.29
C LEU B 62 -16.78 6.10 7.79
N LYS B 63 -16.00 7.06 7.29
CA LYS B 63 -15.75 7.24 5.86
C LYS B 63 -15.13 6.01 5.26
N THR B 64 -14.17 5.44 5.99
CA THR B 64 -13.45 4.29 5.51
C THR B 64 -14.35 3.08 5.45
N TYR B 65 -15.17 2.92 6.48
CA TYR B 65 -16.03 1.76 6.56
C TYR B 65 -17.39 2.06 5.98
N ASP B 66 -17.67 3.34 5.75
CA ASP B 66 -19.01 3.79 5.37
C ASP B 66 -20.00 3.25 6.39
N GLY B 67 -19.65 3.40 7.66
CA GLY B 67 -20.46 2.87 8.74
C GLY B 67 -19.80 2.82 10.10
N VAL B 68 -20.53 2.37 11.11
CA VAL B 68 -20.01 2.25 12.48
C VAL B 68 -19.47 0.86 12.76
N PRO B 69 -18.19 0.80 13.12
CA PRO B 69 -17.51 -0.46 13.42
C PRO B 69 -17.96 -1.07 14.74
N ILE B 70 -18.37 -2.32 14.73
CA ILE B 70 -18.70 -3.03 15.96
C ILE B 70 -17.64 -4.08 16.31
N PHE B 71 -16.86 -3.77 17.33
CA PHE B 71 -15.78 -4.64 17.80
C PHE B 71 -16.03 -5.15 19.23
N GLY B 72 -15.72 -6.41 19.49
CA GLY B 72 -15.80 -6.91 20.86
C GLY B 72 -16.87 -7.95 21.13
N LEU B 73 -17.46 -8.48 20.06
CA LEU B 73 -18.54 -9.45 20.18
C LEU B 73 -18.08 -10.80 20.76
N TYR B 74 -19.03 -11.59 21.24
CA TYR B 74 -18.79 -12.97 21.63
C TYR B 74 -19.27 -13.87 20.50
N GLN B 75 -18.79 -15.10 20.46
CA GLN B 75 -19.16 -16.02 19.40
C GLN B 75 -20.47 -16.73 19.67
N LYS B 76 -21.18 -17.06 18.59
CA LYS B 76 -22.44 -17.78 18.67
C LYS B 76 -23.34 -17.23 19.75
N PHE B 77 -23.61 -15.94 19.69
CA PHE B 77 -24.23 -15.22 20.79
C PHE B 77 -25.07 -14.06 20.29
N ALA B 78 -26.20 -13.83 20.96
CA ALA B 78 -27.02 -12.67 20.70
C ALA B 78 -26.46 -11.48 21.43
N ASN B 79 -25.45 -10.85 20.84
CA ASN B 79 -24.79 -9.72 21.49
C ASN B 79 -25.69 -8.51 21.63
N LYS B 80 -25.56 -7.79 22.73
CA LYS B 80 -26.33 -6.59 22.93
C LYS B 80 -25.41 -5.41 22.73
N VAL B 81 -25.70 -4.62 21.71
CA VAL B 81 -24.86 -3.50 21.35
C VAL B 81 -25.64 -2.20 21.37
N THR B 82 -25.02 -1.18 21.95
CA THR B 82 -25.58 0.15 21.94
C THR B 82 -24.67 1.11 21.21
N VAL B 83 -25.22 1.89 20.29
CA VAL B 83 -24.44 2.89 19.59
C VAL B 83 -25.05 4.29 19.74
N GLU B 84 -24.24 5.24 20.18
CA GLU B 84 -24.71 6.61 20.33
C GLU B 84 -23.99 7.56 19.36
N TRP B 85 -24.74 8.50 18.83
CA TRP B 85 -24.17 9.46 17.90
C TRP B 85 -24.89 10.78 17.93
N LYS B 86 -24.46 11.70 17.09
CA LYS B 86 -25.15 12.97 16.95
C LYS B 86 -25.47 13.17 15.48
N GLU B 87 -26.70 13.58 15.20
CA GLU B 87 -27.16 13.83 13.85
C GLU B 87 -28.08 15.04 13.84
N ASN B 88 -27.67 16.09 13.12
CA ASN B 88 -28.43 17.34 13.06
C ASN B 88 -28.57 17.98 14.44
N GLY B 89 -27.46 18.13 15.14
CA GLY B 89 -27.46 18.77 16.44
C GLY B 89 -28.29 18.04 17.49
N LYS B 90 -28.71 16.82 17.17
CA LYS B 90 -29.55 16.03 18.06
C LYS B 90 -28.87 14.72 18.50
N VAL B 91 -29.08 14.32 19.75
CA VAL B 91 -28.47 13.10 20.30
C VAL B 91 -29.26 11.84 19.96
N MET B 92 -28.55 10.82 19.48
CA MET B 92 -29.22 9.63 19.00
C MET B 92 -28.70 8.35 19.63
N LYS B 93 -29.51 7.31 19.55
CA LYS B 93 -29.11 6.05 20.12
C LYS B 93 -29.97 4.93 19.56
N ASP B 94 -29.33 3.80 19.34
CA ASP B 94 -30.00 2.60 18.91
C ASP B 94 -29.45 1.45 19.73
N ASP B 95 -30.29 0.47 20.01
CA ASP B 95 -29.84 -0.73 20.66
C ASP B 95 -30.02 -1.86 19.69
N TYR B 96 -28.93 -2.54 19.36
CA TYR B 96 -28.99 -3.63 18.41
C TYR B 96 -28.73 -4.95 19.09
N VAL B 97 -29.41 -5.97 18.62
CA VAL B 97 -29.08 -7.33 18.97
C VAL B 97 -28.31 -7.97 17.81
N VAL B 98 -27.03 -8.22 18.01
CA VAL B 98 -26.20 -8.77 16.95
C VAL B 98 -25.83 -10.23 17.18
N HIS B 99 -26.51 -11.14 16.48
CA HIS B 99 -26.15 -12.56 16.51
C HIS B 99 -24.85 -12.84 15.73
N THR B 100 -23.98 -13.67 16.27
CA THR B 100 -22.75 -14.03 15.60
C THR B 100 -22.73 -15.51 15.26
N SER B 101 -21.73 -15.94 14.51
CA SER B 101 -21.56 -17.37 14.29
C SER B 101 -20.40 -17.93 15.11
N ALA B 102 -20.03 -19.15 14.77
CA ALA B 102 -19.04 -19.89 15.54
C ALA B 102 -17.59 -19.55 15.16
N ILE B 103 -16.66 -19.89 16.04
CA ILE B 103 -15.23 -19.77 15.72
C ILE B 103 -14.71 -21.10 15.21
N VAL B 104 -14.01 -21.09 14.07
CA VAL B 104 -13.46 -22.34 13.52
C VAL B 104 -11.93 -22.40 13.45
N ASN B 105 -11.40 -23.56 13.85
CA ASN B 105 -10.05 -23.99 13.60
C ASN B 105 -10.05 -24.94 12.42
N ASN B 106 -9.33 -24.59 11.37
CA ASN B 106 -9.36 -25.38 10.15
C ASN B 106 -8.19 -26.35 10.04
N TYR B 107 -7.50 -26.56 11.15
CA TYR B 107 -6.30 -27.38 11.14
C TYR B 107 -6.34 -28.31 12.32
N MET B 108 -7.00 -29.46 12.17
CA MET B 108 -7.09 -30.40 13.26
C MET B 108 -6.71 -31.78 12.78
N ASP B 109 -6.04 -32.53 13.65
CA ASP B 109 -5.71 -33.92 13.39
C ASP B 109 -5.75 -34.71 14.69
N ASN B 110 -5.17 -35.89 14.70
CA ASN B 110 -5.22 -36.70 15.89
C ASN B 110 -4.44 -36.09 17.08
N ARG B 111 -3.73 -35.01 16.84
CA ARG B 111 -2.93 -34.40 17.90
C ARG B 111 -3.74 -33.40 18.68
N SER B 112 -4.91 -33.07 18.13
CA SER B 112 -5.79 -32.05 18.70
C SER B 112 -6.37 -32.46 20.04
N ILE B 113 -6.12 -31.64 21.05
CA ILE B 113 -6.77 -31.77 22.34
C ILE B 113 -8.26 -31.40 22.19
N SER B 114 -8.53 -30.24 21.58
CA SER B 114 -9.86 -29.89 21.06
C SER B 114 -9.71 -28.75 20.05
N ASP B 115 -10.81 -28.20 19.56
CA ASP B 115 -10.70 -27.29 18.42
C ASP B 115 -10.10 -25.93 18.78
N LEU B 116 -10.27 -25.46 20.01
CA LEU B 116 -9.77 -24.15 20.37
C LEU B 116 -8.80 -24.22 21.52
N GLN B 117 -7.99 -23.19 21.70
CA GLN B 117 -7.03 -23.15 22.78
C GLN B 117 -7.68 -22.67 24.06
N GLN B 118 -7.36 -23.33 25.17
CA GLN B 118 -8.08 -23.10 26.41
C GLN B 118 -7.47 -21.98 27.25
N THR B 119 -8.35 -21.14 27.82
CA THR B 119 -7.91 -20.05 28.68
C THR B 119 -8.19 -20.38 30.14
N LYS B 120 -7.36 -19.84 31.03
CA LYS B 120 -7.52 -20.04 32.45
C LYS B 120 -7.17 -18.78 33.17
N VAL B 121 -8.16 -18.14 33.75
CA VAL B 121 -7.91 -16.90 34.45
C VAL B 121 -7.41 -17.27 35.83
N ILE B 122 -6.63 -16.38 36.43
CA ILE B 122 -5.78 -16.74 37.54
C ILE B 122 -5.69 -15.57 38.51
N LYS B 123 -5.52 -14.38 37.98
CA LYS B 123 -5.50 -13.20 38.82
C LYS B 123 -5.96 -12.00 38.00
N VAL B 124 -6.99 -11.33 38.49
CA VAL B 124 -7.50 -10.09 37.90
C VAL B 124 -7.74 -9.05 38.98
N ALA B 125 -6.70 -8.27 39.27
CA ALA B 125 -6.74 -7.25 40.31
C ALA B 125 -7.84 -6.20 40.07
N PRO B 126 -8.15 -5.39 41.08
CA PRO B 126 -9.14 -4.35 40.82
C PRO B 126 -8.62 -3.26 39.90
N GLY B 127 -9.44 -2.86 38.94
CA GLY B 127 -9.03 -1.83 38.02
C GLY B 127 -8.26 -2.38 36.83
N PHE B 128 -8.47 -3.66 36.55
CA PHE B 128 -7.88 -4.30 35.39
C PHE B 128 -8.89 -5.20 34.70
N GLU B 129 -10.16 -5.01 35.03
CA GLU B 129 -11.22 -5.82 34.46
C GLU B 129 -11.52 -5.44 33.01
N ASP B 130 -11.02 -4.29 32.59
CA ASP B 130 -11.28 -3.78 31.25
C ASP B 130 -10.28 -4.27 30.22
N ARG B 131 -9.15 -4.79 30.69
CA ARG B 131 -8.02 -5.11 29.82
C ARG B 131 -8.28 -6.13 28.74
N LEU B 132 -7.76 -5.86 27.55
CA LEU B 132 -7.87 -6.81 26.44
C LEU B 132 -6.51 -7.18 25.84
N TYR B 133 -6.37 -8.43 25.43
CA TYR B 133 -5.06 -8.93 24.99
C TYR B 133 -5.18 -9.75 23.71
N LEU B 134 -4.44 -9.33 22.69
CA LEU B 134 -4.43 -10.01 21.40
C LEU B 134 -3.39 -11.10 21.41
N VAL B 135 -3.81 -12.32 21.15
CA VAL B 135 -2.91 -13.47 21.22
C VAL B 135 -2.51 -13.98 19.85
N ASN B 136 -1.23 -13.87 19.58
CA ASN B 136 -0.63 -14.33 18.34
C ASN B 136 -0.03 -15.71 18.50
N THR B 137 -0.84 -16.73 18.36
CA THR B 137 -0.32 -18.06 18.51
C THR B 137 -0.63 -18.81 17.24
N HIS B 138 -0.35 -20.10 17.24
CA HIS B 138 -0.45 -20.86 16.04
C HIS B 138 -0.87 -22.27 16.35
N THR B 139 -0.97 -23.08 15.31
CA THR B 139 -1.50 -24.42 15.48
C THR B 139 -0.98 -25.31 14.35
N PHE B 140 -0.46 -26.48 14.71
CA PHE B 140 0.27 -27.30 13.76
C PHE B 140 -0.61 -27.67 12.61
N THR B 141 -0.02 -27.69 11.42
CA THR B 141 -0.69 -28.17 10.23
C THR B 141 -0.53 -29.67 10.21
N ALA B 142 -1.37 -30.33 9.43
CA ALA B 142 -1.36 -31.77 9.39
C ALA B 142 -0.01 -32.34 8.89
N GLN B 143 0.49 -31.81 7.79
CA GLN B 143 1.74 -32.34 7.23
C GLN B 143 2.97 -31.54 7.60
N GLY B 144 2.79 -30.48 8.37
CA GLY B 144 3.90 -29.68 8.83
C GLY B 144 4.65 -29.09 7.66
N SER B 145 5.96 -28.94 7.82
CA SER B 145 6.80 -28.35 6.79
C SER B 145 6.85 -29.23 5.55
N ASP B 146 6.38 -28.71 4.42
CA ASP B 146 6.28 -29.52 3.22
C ASP B 146 7.08 -28.97 2.05
N LEU B 147 7.61 -27.75 2.17
CA LEU B 147 8.29 -27.10 1.06
C LEU B 147 9.60 -26.47 1.48
N HIS B 148 10.52 -26.35 0.53
CA HIS B 148 11.87 -25.93 0.86
C HIS B 148 12.41 -25.08 -0.28
N TRP B 149 13.10 -23.99 0.05
CA TRP B 149 13.85 -23.25 -0.95
C TRP B 149 14.90 -24.15 -1.59
N HIS B 150 15.11 -24.00 -2.91
CA HIS B 150 16.21 -24.67 -3.61
C HIS B 150 17.48 -23.82 -3.61
N GLY B 151 18.61 -24.43 -3.26
CA GLY B 151 19.86 -23.70 -3.14
C GLY B 151 20.91 -24.19 -4.12
N GLU B 152 22.15 -23.76 -3.91
CA GLU B 152 23.27 -24.11 -4.79
C GLU B 152 24.12 -25.25 -4.23
N LYS B 153 24.28 -26.28 -5.06
CA LYS B 153 25.06 -27.46 -4.72
C LYS B 153 26.55 -27.12 -4.53
N ASP B 154 27.24 -27.82 -3.63
CA ASP B 154 28.61 -27.45 -3.31
C ASP B 154 29.66 -28.38 -3.91
N LYS B 155 30.92 -28.01 -3.72
CA LYS B 155 32.03 -28.78 -4.29
C LYS B 155 32.02 -30.14 -3.64
N ASN B 156 31.97 -30.15 -2.32
CA ASN B 156 31.95 -31.39 -1.55
CA ASN B 156 31.96 -31.40 -1.56
C ASN B 156 30.71 -32.24 -1.80
N ALA B 157 29.84 -31.78 -2.68
CA ALA B 157 28.63 -32.54 -2.99
C ALA B 157 28.95 -33.73 -3.86
N GLY B 158 28.24 -34.81 -3.63
CA GLY B 158 28.29 -35.96 -4.50
C GLY B 158 27.93 -35.53 -5.90
N ILE B 159 28.52 -36.19 -6.88
CA ILE B 159 28.34 -35.79 -8.26
C ILE B 159 26.89 -36.01 -8.67
N LEU B 160 26.34 -37.19 -8.37
CA LEU B 160 24.98 -37.52 -8.77
C LEU B 160 23.91 -36.81 -7.93
N ASP B 161 24.34 -36.20 -6.83
CA ASP B 161 23.44 -35.58 -5.87
C ASP B 161 22.49 -34.58 -6.50
N ALA B 162 21.23 -34.67 -6.11
CA ALA B 162 20.30 -33.60 -6.38
C ALA B 162 20.78 -32.38 -5.60
N GLY B 163 20.37 -31.21 -6.06
CA GLY B 163 20.76 -29.97 -5.41
C GLY B 163 20.25 -29.92 -4.01
N PRO B 164 20.77 -28.99 -3.19
CA PRO B 164 20.42 -28.88 -1.77
C PRO B 164 19.20 -27.99 -1.51
N ALA B 165 19.01 -27.63 -0.25
CA ALA B 165 18.04 -26.61 0.11
C ALA B 165 18.75 -25.45 0.80
N THR B 166 18.05 -24.35 0.99
CA THR B 166 18.64 -23.20 1.66
C THR B 166 17.50 -22.45 2.31
N GLY B 167 17.79 -21.36 3.02
CA GLY B 167 16.74 -20.58 3.64
C GLY B 167 15.87 -21.29 4.65
N ALA B 168 14.66 -20.79 4.84
CA ALA B 168 13.76 -21.29 5.89
C ALA B 168 12.31 -21.31 5.42
N LEU B 169 12.07 -21.85 4.25
CA LEU B 169 10.70 -21.96 3.78
C LEU B 169 9.84 -22.93 4.62
N PRO B 170 10.44 -23.99 5.22
CA PRO B 170 9.70 -24.86 6.13
C PRO B 170 9.20 -24.23 7.43
N PHE B 171 9.66 -23.03 7.73
CA PHE B 171 9.20 -22.27 8.88
C PHE B 171 7.76 -21.83 8.66
N ASP B 172 6.85 -22.82 8.66
CA ASP B 172 5.50 -22.65 8.16
C ASP B 172 4.44 -23.25 9.09
N ILE B 173 3.45 -22.46 9.49
CA ILE B 173 2.43 -22.94 10.43
C ILE B 173 1.11 -22.16 10.35
N ALA B 174 0.02 -22.82 10.72
CA ALA B 174 -1.29 -22.17 10.70
C ALA B 174 -1.40 -21.17 11.83
N PRO B 175 -2.02 -20.01 11.57
CA PRO B 175 -2.18 -19.01 12.63
C PRO B 175 -3.37 -19.33 13.56
N PHE B 176 -3.32 -18.80 14.77
CA PHE B 176 -4.41 -18.89 15.71
C PHE B 176 -4.52 -17.55 16.42
N THR B 177 -5.34 -16.66 15.91
CA THR B 177 -5.27 -15.27 16.32
C THR B 177 -6.55 -14.81 17.00
N PHE B 178 -6.42 -14.22 18.18
CA PHE B 178 -7.61 -13.83 18.93
C PHE B 178 -7.36 -12.82 20.03
N ILE B 179 -8.43 -12.23 20.54
CA ILE B 179 -8.35 -11.36 21.70
C ILE B 179 -9.14 -11.96 22.87
N VAL B 180 -8.54 -11.95 24.05
CA VAL B 180 -9.16 -12.50 25.23
C VAL B 180 -9.30 -11.41 26.30
N ASP B 181 -10.45 -11.39 26.98
CA ASP B 181 -10.66 -10.45 28.08
C ASP B 181 -10.30 -11.07 29.42
N THR B 182 -10.64 -10.38 30.50
CA THR B 182 -10.25 -10.81 31.84
C THR B 182 -11.17 -11.89 32.39
N GLU B 183 -12.05 -12.42 31.56
CA GLU B 183 -12.89 -13.55 31.96
C GLU B 183 -12.53 -14.79 31.15
N GLY B 184 -11.45 -14.67 30.37
CA GLY B 184 -10.95 -15.78 29.58
C GLY B 184 -11.80 -16.07 28.36
N GLU B 185 -12.59 -15.09 27.95
CA GLU B 185 -13.45 -15.25 26.80
C GLU B 185 -12.84 -14.65 25.54
N TYR B 186 -13.14 -15.26 24.40
CA TYR B 186 -12.74 -14.73 23.11
C TYR B 186 -13.60 -13.55 22.70
N ARG B 187 -12.99 -12.40 22.43
CA ARG B 187 -13.72 -11.22 21.97
C ARG B 187 -13.30 -10.74 20.57
N TRP B 188 -12.51 -11.55 19.86
CA TRP B 188 -12.06 -11.24 18.51
C TRP B 188 -11.37 -12.46 17.93
N TRP B 189 -11.46 -12.61 16.62
CA TRP B 189 -10.86 -13.75 15.95
C TRP B 189 -10.55 -13.36 14.51
N LEU B 190 -9.29 -13.47 14.13
CA LEU B 190 -8.92 -13.26 12.73
C LEU B 190 -8.96 -14.59 12.03
N ASP B 191 -9.88 -14.72 11.09
CA ASP B 191 -10.02 -15.95 10.34
C ASP B 191 -8.68 -16.40 9.81
N GLN B 192 -8.41 -17.69 9.95
CA GLN B 192 -7.17 -18.28 9.51
C GLN B 192 -6.98 -18.13 8.02
N ASP B 193 -8.08 -18.02 7.29
CA ASP B 193 -8.04 -17.87 5.84
C ASP B 193 -7.56 -16.51 5.38
N THR B 194 -7.53 -15.55 6.30
CA THR B 194 -7.20 -14.19 5.94
C THR B 194 -5.86 -14.11 5.24
N PHE B 195 -4.85 -14.74 5.81
CA PHE B 195 -3.52 -14.69 5.23
C PHE B 195 -3.02 -16.06 4.82
N TYR B 196 -3.52 -17.10 5.49
CA TYR B 196 -2.88 -18.40 5.41
C TYR B 196 -3.75 -19.40 4.70
N ASP B 197 -3.10 -20.36 4.06
CA ASP B 197 -3.75 -21.47 3.37
C ASP B 197 -2.76 -22.62 3.31
N GLY B 198 -2.99 -23.61 4.16
CA GLY B 198 -2.01 -24.65 4.36
C GLY B 198 -2.23 -25.83 3.45
N ARG B 199 -3.47 -26.03 3.01
CA ARG B 199 -3.75 -27.17 2.16
C ARG B 199 -3.32 -26.92 0.71
N ASP B 200 -3.37 -25.66 0.30
CA ASP B 200 -2.94 -25.25 -1.02
C ASP B 200 -1.45 -24.98 -0.96
N ARG B 201 -0.82 -24.90 -2.12
CA ARG B 201 0.63 -24.73 -2.18
C ARG B 201 1.04 -23.44 -2.89
N ASP B 202 0.24 -22.40 -2.63
CA ASP B 202 0.55 -21.04 -2.96
C ASP B 202 1.43 -20.41 -1.88
N ILE B 203 2.74 -20.40 -2.10
CA ILE B 203 3.68 -19.81 -1.15
C ILE B 203 3.34 -18.36 -0.76
N ASN B 204 2.47 -17.72 -1.53
CA ASN B 204 2.00 -16.37 -1.18
C ASN B 204 1.15 -16.41 0.08
N LYS B 205 0.54 -17.57 0.34
CA LYS B 205 -0.33 -17.75 1.48
C LYS B 205 0.29 -18.65 2.54
N ARG B 206 1.62 -18.77 2.54
CA ARG B 206 2.32 -19.65 3.47
C ARG B 206 3.29 -18.86 4.33
N GLY B 207 3.68 -19.47 5.45
CA GLY B 207 4.65 -18.85 6.35
C GLY B 207 4.22 -18.85 7.80
N TYR B 208 4.75 -17.90 8.56
CA TYR B 208 4.57 -17.85 10.00
C TYR B 208 4.13 -16.47 10.40
N LEU B 209 2.84 -16.30 10.67
CA LEU B 209 2.30 -14.99 10.94
C LEU B 209 2.89 -14.38 12.21
N MET B 210 3.65 -13.29 12.07
CA MET B 210 4.44 -12.75 13.17
C MET B 210 4.55 -11.24 13.15
N GLY B 211 5.16 -10.70 14.19
CA GLY B 211 5.46 -9.29 14.24
C GLY B 211 4.25 -8.39 14.17
N ILE B 212 3.14 -8.86 14.72
CA ILE B 212 1.96 -8.03 14.81
C ILE B 212 2.20 -6.87 15.75
N ARG B 213 2.12 -5.65 15.22
CA ARG B 213 2.45 -4.47 15.99
C ARG B 213 1.52 -3.34 15.61
N GLU B 214 1.22 -2.45 16.54
CA GLU B 214 0.32 -1.35 16.25
C GLU B 214 0.98 -0.22 15.46
N THR B 215 0.17 0.48 14.68
CA THR B 215 0.61 1.62 13.89
C THR B 215 0.09 2.91 14.53
N PRO B 216 0.58 4.08 14.09
CA PRO B 216 0.03 5.33 14.63
C PRO B 216 -1.36 5.65 14.16
N ARG B 217 -1.97 4.76 13.37
CA ARG B 217 -3.35 4.93 12.96
C ARG B 217 -4.25 3.94 13.65
N GLY B 218 -3.73 3.30 14.69
CA GLY B 218 -4.48 2.31 15.44
C GLY B 218 -4.64 1.02 14.70
N THR B 219 -3.79 0.82 13.69
CA THR B 219 -3.86 -0.39 12.89
C THR B 219 -2.65 -1.25 13.20
N PHE B 220 -2.51 -2.36 12.48
CA PHE B 220 -1.42 -3.28 12.77
C PHE B 220 -0.70 -3.77 11.52
N THR B 221 0.61 -3.93 11.65
CA THR B 221 1.43 -4.55 10.63
C THR B 221 1.77 -5.97 11.04
N ALA B 222 1.98 -6.84 10.06
CA ALA B 222 2.32 -8.24 10.34
C ALA B 222 3.15 -8.81 9.20
N VAL B 223 3.84 -9.90 9.45
CA VAL B 223 4.55 -10.58 8.38
C VAL B 223 4.10 -12.02 8.30
N GLN B 224 4.23 -12.62 7.12
CA GLN B 224 4.02 -14.04 6.96
C GLN B 224 4.73 -14.56 5.72
N GLY B 225 5.90 -15.15 5.92
CA GLY B 225 6.66 -15.75 4.85
C GLY B 225 7.32 -14.75 3.91
N GLN B 226 6.73 -14.63 2.74
CA GLN B 226 7.27 -13.83 1.68
C GLN B 226 6.46 -12.55 1.47
N HIS B 227 5.63 -12.21 2.46
CA HIS B 227 4.75 -11.05 2.41
C HIS B 227 4.72 -10.27 3.71
N TRP B 228 4.37 -8.99 3.62
CA TRP B 228 4.04 -8.22 4.80
C TRP B 228 2.75 -7.46 4.61
N TYR B 229 2.07 -7.19 5.71
CA TYR B 229 0.70 -6.70 5.64
C TYR B 229 0.41 -5.55 6.58
N GLU B 230 -0.73 -4.94 6.36
CA GLU B 230 -1.34 -4.06 7.34
C GLU B 230 -2.79 -4.44 7.39
N PHE B 231 -3.39 -4.38 8.58
CA PHE B 231 -4.78 -4.75 8.76
C PHE B 231 -5.37 -4.05 9.98
N ASP B 232 -6.70 -3.90 9.98
CA ASP B 232 -7.41 -3.26 11.08
C ASP B 232 -8.28 -4.26 11.82
N MET B 233 -8.95 -3.77 12.85
CA MET B 233 -9.68 -4.66 13.73
C MET B 233 -11.06 -5.04 13.17
N MET B 234 -11.33 -4.60 11.95
CA MET B 234 -12.56 -5.01 11.28
C MET B 234 -12.24 -6.15 10.33
N GLY B 235 -10.97 -6.50 10.24
CA GLY B 235 -10.54 -7.59 9.40
C GLY B 235 -10.25 -7.12 7.99
N GLN B 236 -10.14 -5.82 7.84
CA GLN B 236 -9.81 -5.21 6.56
C GLN B 236 -8.32 -5.30 6.33
N VAL B 237 -7.93 -5.95 5.25
CA VAL B 237 -6.52 -6.00 4.88
C VAL B 237 -6.16 -4.70 4.16
N LEU B 238 -5.41 -3.84 4.83
CA LEU B 238 -5.11 -2.52 4.29
C LEU B 238 -3.93 -2.51 3.33
N GLU B 239 -2.95 -3.38 3.55
CA GLU B 239 -1.82 -3.53 2.65
C GLU B 239 -1.46 -4.99 2.50
N ASP B 240 -0.99 -5.36 1.31
CA ASP B 240 -0.46 -6.68 1.06
C ASP B 240 0.74 -6.51 0.13
N HIS B 241 1.93 -6.69 0.67
CA HIS B 241 3.14 -6.49 -0.10
C HIS B 241 3.97 -7.76 -0.21
N LYS B 242 4.40 -8.10 -1.42
CA LYS B 242 5.48 -9.06 -1.56
C LYS B 242 6.75 -8.40 -1.04
N LEU B 243 7.72 -9.22 -0.68
CA LEU B 243 9.03 -8.70 -0.30
C LEU B 243 9.79 -8.32 -1.56
N PRO B 244 10.68 -7.33 -1.45
CA PRO B 244 11.57 -6.98 -2.56
C PRO B 244 12.29 -8.23 -3.08
N ARG B 245 12.61 -8.27 -4.38
CA ARG B 245 12.96 -9.54 -5.04
C ARG B 245 14.22 -10.21 -4.52
N GLY B 246 15.09 -9.45 -3.89
CA GLY B 246 16.34 -10.02 -3.40
C GLY B 246 16.24 -10.59 -2.01
N PHE B 247 15.03 -10.66 -1.48
CA PHE B 247 14.84 -10.99 -0.08
C PHE B 247 13.76 -12.03 0.16
N ALA B 248 13.89 -12.78 1.25
CA ALA B 248 12.95 -13.85 1.57
C ALA B 248 12.71 -14.00 3.05
N ASP B 249 11.72 -14.81 3.39
CA ASP B 249 11.48 -15.35 4.73
C ASP B 249 11.48 -14.31 5.83
N ALA B 250 10.43 -13.51 5.85
CA ALA B 250 10.27 -12.49 6.86
C ALA B 250 9.55 -13.07 8.06
N THR B 251 10.19 -13.02 9.21
CA THR B 251 9.60 -13.60 10.40
C THR B 251 9.84 -12.71 11.59
N HIS B 252 9.10 -12.99 12.66
CA HIS B 252 9.37 -12.45 14.00
C HIS B 252 8.95 -11.01 14.28
N GLU B 253 9.11 -10.08 13.35
CA GLU B 253 8.81 -8.68 13.68
C GLU B 253 8.40 -7.81 12.49
N SER B 254 7.68 -6.73 12.77
CA SER B 254 7.42 -5.69 11.79
C SER B 254 6.91 -4.45 12.53
N ILE B 255 7.59 -3.32 12.39
CA ILE B 255 7.16 -2.11 13.10
C ILE B 255 7.16 -0.82 12.25
N GLU B 256 6.06 -0.07 12.29
CA GLU B 256 6.01 1.21 11.60
C GLU B 256 6.84 2.27 12.33
N THR B 257 7.57 3.07 11.56
CA THR B 257 8.36 4.16 12.09
C THR B 257 7.52 5.43 12.14
N PRO B 258 8.04 6.50 12.77
CA PRO B 258 7.33 7.76 12.70
C PRO B 258 7.44 8.45 11.35
N ASN B 259 8.22 7.88 10.44
CA ASN B 259 8.49 8.50 9.16
C ASN B 259 7.73 7.82 8.05
N GLY B 260 6.77 7.00 8.41
CA GLY B 260 5.98 6.31 7.43
C GLY B 260 6.61 5.05 6.89
N THR B 261 7.80 4.69 7.36
CA THR B 261 8.45 3.48 6.86
C THR B 261 8.15 2.29 7.73
N VAL B 262 8.58 1.11 7.29
CA VAL B 262 8.30 -0.14 7.99
C VAL B 262 9.54 -1.02 8.06
N LEU B 263 9.92 -1.38 9.27
CA LEU B 263 11.12 -2.16 9.50
C LEU B 263 10.81 -3.65 9.48
N LEU B 264 11.51 -4.40 8.64
CA LEU B 264 11.26 -5.82 8.53
C LEU B 264 12.48 -6.63 8.87
N ARG B 265 12.31 -7.86 9.32
CA ARG B 265 13.48 -8.68 9.43
C ARG B 265 13.27 -9.88 8.53
N VAL B 266 14.29 -10.14 7.72
CA VAL B 266 14.26 -11.10 6.64
C VAL B 266 15.60 -11.78 6.45
N GLY B 267 15.73 -12.52 5.34
CA GLY B 267 17.01 -13.04 4.90
C GLY B 267 17.26 -12.64 3.46
N LYS B 268 18.51 -12.71 3.02
CA LYS B 268 18.85 -12.39 1.63
C LYS B 268 18.84 -13.64 0.76
N SER B 269 18.02 -13.62 -0.28
CA SER B 269 18.01 -14.70 -1.25
C SER B 269 19.15 -14.53 -2.23
N ASN B 270 19.69 -15.65 -2.70
CA ASN B 270 20.78 -15.66 -3.66
C ASN B 270 21.97 -14.81 -3.19
N TYR B 271 22.29 -14.95 -1.92
CA TYR B 271 23.41 -14.27 -1.28
C TYR B 271 24.70 -14.94 -1.69
N ARG B 272 25.61 -14.16 -2.27
CA ARG B 272 26.89 -14.68 -2.74
C ARG B 272 27.93 -14.65 -1.62
N ARG B 273 28.32 -15.84 -1.17
CA ARG B 273 29.36 -16.00 -0.13
C ARG B 273 30.74 -15.75 -0.74
N ASP B 274 31.72 -15.47 0.11
CA ASP B 274 33.07 -15.15 -0.37
C ASP B 274 33.70 -16.31 -1.11
N ASP B 275 33.22 -17.52 -0.84
CA ASP B 275 33.68 -18.71 -1.54
C ASP B 275 32.83 -18.98 -2.76
N GLY B 276 32.03 -17.98 -3.14
CA GLY B 276 31.24 -18.01 -4.37
C GLY B 276 29.99 -18.86 -4.33
N VAL B 277 29.61 -19.36 -3.16
CA VAL B 277 28.44 -20.21 -3.02
C VAL B 277 27.23 -19.36 -2.66
N HIS B 278 26.09 -19.67 -3.25
CA HIS B 278 24.89 -18.86 -3.10
C HIS B 278 23.92 -19.50 -2.12
N VAL B 279 23.45 -18.71 -1.18
CA VAL B 279 22.53 -19.20 -0.18
C VAL B 279 21.46 -18.17 0.10
N THR B 280 20.33 -18.63 0.60
CA THR B 280 19.38 -17.72 1.19
C THR B 280 19.80 -17.62 2.66
N THR B 281 20.19 -16.43 3.10
CA THR B 281 20.64 -16.27 4.48
C THR B 281 19.50 -16.33 5.48
N ILE B 282 19.86 -16.43 6.75
CA ILE B 282 18.90 -16.76 7.82
C ILE B 282 18.77 -15.66 8.85
N ARG B 283 17.64 -14.96 8.83
CA ARG B 283 17.28 -13.96 9.85
C ARG B 283 18.38 -12.99 10.24
N ASP B 284 19.13 -12.47 9.28
CA ASP B 284 20.27 -11.59 9.58
C ASP B 284 20.30 -10.36 8.72
N HIS B 285 19.16 -9.68 8.68
CA HIS B 285 18.79 -8.88 7.52
C HIS B 285 17.51 -8.11 7.70
N ILE B 286 17.74 -6.80 7.88
CA ILE B 286 16.75 -5.81 8.25
C ILE B 286 16.45 -4.89 7.07
N LEU B 287 15.17 -4.78 6.73
CA LEU B 287 14.75 -3.85 5.68
C LEU B 287 14.05 -2.63 6.24
N GLU B 288 14.21 -1.50 5.58
CA GLU B 288 13.28 -0.43 5.77
C GLU B 288 12.52 -0.23 4.48
N VAL B 289 11.25 -0.59 4.47
CA VAL B 289 10.47 -0.45 3.26
C VAL B 289 9.53 0.71 3.41
N ASP B 290 8.92 1.14 2.32
CA ASP B 290 7.91 2.17 2.37
C ASP B 290 6.56 1.60 1.98
N LYS B 291 5.56 2.46 1.90
CA LYS B 291 4.21 2.00 1.67
C LYS B 291 3.99 1.52 0.25
N SER B 292 5.00 1.72 -0.58
CA SER B 292 5.01 1.16 -1.92
C SER B 292 5.65 -0.21 -1.95
N GLY B 293 6.29 -0.61 -0.85
CA GLY B 293 6.95 -1.89 -0.78
C GLY B 293 8.41 -1.85 -1.22
N ARG B 294 8.88 -0.65 -1.51
CA ARG B 294 10.24 -0.48 -2.01
C ARG B 294 11.20 -0.40 -0.86
N VAL B 295 12.46 -0.70 -1.13
CA VAL B 295 13.51 -0.66 -0.13
C VAL B 295 14.07 0.73 0.05
N VAL B 296 13.99 1.23 1.28
CA VAL B 296 14.57 2.53 1.61
C VAL B 296 15.99 2.35 2.12
N ASP B 297 16.24 1.27 2.83
CA ASP B 297 17.55 0.96 3.34
C ASP B 297 17.63 -0.48 3.74
N VAL B 298 18.85 -0.98 3.85
CA VAL B 298 19.07 -2.35 4.27
C VAL B 298 20.29 -2.47 5.18
N TRP B 299 20.15 -3.20 6.28
CA TRP B 299 21.29 -3.56 7.11
C TRP B 299 21.66 -5.01 6.86
N ASP B 300 22.83 -5.23 6.28
CA ASP B 300 23.39 -6.56 6.16
C ASP B 300 24.20 -6.89 7.40
N LEU B 301 23.60 -7.63 8.31
CA LEU B 301 24.25 -7.94 9.59
C LEU B 301 25.48 -8.83 9.47
N THR B 302 25.58 -9.57 8.38
CA THR B 302 26.75 -10.42 8.14
C THR B 302 27.99 -9.58 7.91
N LYS B 303 27.77 -8.31 7.60
CA LYS B 303 28.87 -7.38 7.38
C LYS B 303 28.93 -6.31 8.46
N ILE B 304 27.97 -6.30 9.38
CA ILE B 304 28.05 -5.38 10.52
C ILE B 304 28.57 -6.08 11.76
N LEU B 305 28.20 -7.34 11.93
CA LEU B 305 28.57 -8.07 13.12
C LEU B 305 29.61 -9.13 12.84
N ASP B 306 29.47 -10.25 13.54
CA ASP B 306 30.45 -11.32 13.48
C ASP B 306 29.76 -12.67 13.43
N PRO B 307 29.52 -13.16 12.21
CA PRO B 307 28.91 -14.48 11.99
C PRO B 307 29.78 -15.65 12.44
N LYS B 308 30.96 -15.38 12.99
CA LYS B 308 31.87 -16.45 13.39
C LYS B 308 31.90 -16.63 14.92
N ARG B 309 31.31 -15.67 15.64
CA ARG B 309 31.22 -15.76 17.09
C ARG B 309 30.25 -16.85 17.54
N ASP B 310 30.79 -17.87 18.19
CA ASP B 310 30.01 -19.04 18.60
C ASP B 310 29.94 -19.19 20.09
N ALA B 311 30.29 -18.12 20.80
CA ALA B 311 30.24 -18.10 22.24
C ALA B 311 28.91 -18.65 22.75
N LEU B 312 27.86 -17.87 22.64
CA LEU B 312 26.52 -18.28 23.07
C LEU B 312 26.01 -19.44 22.23
N LEU B 313 26.32 -19.41 20.95
CA LEU B 313 25.91 -20.46 20.04
C LEU B 313 26.29 -21.85 20.55
N GLY B 314 27.54 -21.99 20.98
CA GLY B 314 28.04 -23.26 21.44
C GLY B 314 27.37 -23.77 22.71
N ALA B 315 26.53 -22.93 23.32
CA ALA B 315 26.03 -23.21 24.65
C ALA B 315 24.53 -23.37 24.69
N LEU B 316 23.94 -23.96 23.66
CA LEU B 316 22.50 -23.91 23.57
C LEU B 316 21.80 -25.24 23.71
N ASP B 317 20.60 -25.18 24.26
CA ASP B 317 19.70 -26.31 24.35
C ASP B 317 19.26 -26.68 22.95
N ALA B 318 19.63 -27.88 22.51
CA ALA B 318 19.31 -28.33 21.16
C ALA B 318 17.86 -28.78 21.00
N GLY B 319 17.07 -28.68 22.07
CA GLY B 319 15.68 -29.07 22.00
C GLY B 319 14.82 -27.96 21.44
N ALA B 320 15.38 -26.76 21.44
CA ALA B 320 14.69 -25.58 20.92
C ALA B 320 15.23 -25.18 19.55
N HIS B 329 15.86 -34.69 21.83
CA HIS B 329 17.22 -34.18 21.96
C HIS B 329 17.25 -32.86 22.75
N ALA B 330 16.24 -32.64 23.58
CA ALA B 330 16.17 -31.44 24.37
C ALA B 330 17.22 -31.45 25.49
N GLY B 331 17.53 -30.26 26.01
CA GLY B 331 18.50 -30.13 27.09
C GLY B 331 19.94 -30.17 26.64
N GLN B 332 20.25 -31.11 25.74
CA GLN B 332 21.60 -31.33 25.24
C GLN B 332 22.22 -30.03 24.73
N GLN B 333 23.43 -29.75 25.22
CA GLN B 333 24.16 -28.56 24.83
C GLN B 333 24.51 -28.63 23.35
N ALA B 334 24.62 -27.47 22.71
CA ALA B 334 24.84 -27.37 21.28
C ALA B 334 26.25 -27.80 20.85
N LYS B 335 26.33 -28.88 20.09
CA LYS B 335 27.61 -29.34 19.56
C LYS B 335 27.74 -29.00 18.09
N LEU B 336 28.49 -27.95 17.81
CA LEU B 336 28.62 -27.44 16.45
C LEU B 336 29.51 -28.33 15.60
N GLU B 337 29.07 -28.60 14.39
CA GLU B 337 29.90 -29.28 13.38
C GLU B 337 30.10 -28.31 12.22
N PRO B 338 31.35 -28.19 11.72
CA PRO B 338 31.68 -27.18 10.71
C PRO B 338 31.31 -27.60 9.29
N ASP B 339 30.63 -28.73 9.17
CA ASP B 339 30.14 -29.24 7.90
C ASP B 339 28.62 -29.20 7.85
N THR B 340 28.03 -28.50 8.82
CA THR B 340 26.59 -28.35 8.91
C THR B 340 26.08 -27.71 7.64
N PRO B 341 25.20 -28.42 6.92
CA PRO B 341 24.69 -27.94 5.63
C PRO B 341 23.98 -26.62 5.83
N PHE B 342 24.04 -25.74 4.84
CA PHE B 342 23.40 -24.43 4.97
C PHE B 342 21.90 -24.53 5.13
N GLY B 343 21.33 -23.59 5.87
CA GLY B 343 19.92 -23.64 6.16
C GLY B 343 19.57 -23.16 7.55
N ASP B 344 18.33 -23.44 7.92
CA ASP B 344 17.78 -23.04 9.21
C ASP B 344 18.33 -23.97 10.27
N ALA B 345 19.52 -23.66 10.73
CA ALA B 345 20.21 -24.50 11.68
C ALA B 345 21.23 -23.70 12.43
N LEU B 346 21.46 -24.07 13.68
CA LEU B 346 22.50 -23.47 14.50
C LEU B 346 23.89 -23.72 13.88
N GLY B 347 24.65 -22.64 13.70
CA GLY B 347 25.95 -22.73 13.06
C GLY B 347 26.49 -21.34 12.84
N VAL B 348 27.76 -21.25 12.46
CA VAL B 348 28.37 -19.96 12.15
C VAL B 348 28.18 -19.70 10.67
N GLY B 349 28.33 -18.44 10.28
CA GLY B 349 28.35 -18.10 8.87
C GLY B 349 27.03 -17.90 8.17
N PRO B 350 27.05 -17.03 7.14
CA PRO B 350 25.93 -16.79 6.25
C PRO B 350 25.36 -18.08 5.67
N GLY B 351 24.05 -18.29 5.81
CA GLY B 351 23.42 -19.50 5.31
C GLY B 351 23.20 -20.43 6.46
N ARG B 352 23.63 -20.00 7.63
CA ARG B 352 23.34 -20.71 8.87
C ARG B 352 22.72 -19.75 9.88
N ASN B 353 21.99 -20.30 10.83
CA ASN B 353 21.27 -19.48 11.80
C ASN B 353 22.21 -18.93 12.86
N TRP B 354 23.08 -18.02 12.44
CA TRP B 354 24.12 -17.51 13.32
C TRP B 354 23.68 -16.38 14.22
N ALA B 355 22.57 -15.73 13.85
CA ALA B 355 22.17 -14.51 14.53
C ALA B 355 20.81 -14.67 15.18
N HIS B 356 19.89 -15.26 14.43
CA HIS B 356 18.50 -15.37 14.85
C HIS B 356 17.99 -14.09 15.47
N VAL B 357 17.84 -13.07 14.64
CA VAL B 357 17.29 -11.81 15.06
C VAL B 357 15.78 -11.93 15.17
N ASN B 358 15.22 -11.42 16.26
CA ASN B 358 13.81 -11.59 16.55
C ASN B 358 13.13 -10.32 17.07
N SER B 359 13.85 -9.21 17.13
CA SER B 359 13.22 -7.96 17.54
C SER B 359 13.90 -6.72 17.00
N ILE B 360 13.09 -5.74 16.60
CA ILE B 360 13.59 -4.47 16.10
C ILE B 360 12.98 -3.31 16.87
N ALA B 361 13.79 -2.30 17.14
CA ALA B 361 13.26 -1.08 17.69
C ALA B 361 13.94 0.09 17.02
N TYR B 362 13.16 1.07 16.60
CA TYR B 362 13.71 2.28 16.01
C TYR B 362 13.87 3.38 17.05
N ASP B 363 14.97 4.10 16.95
CA ASP B 363 15.27 5.17 17.87
C ASP B 363 15.29 6.48 17.11
N ALA B 364 14.20 7.22 17.23
CA ALA B 364 14.05 8.49 16.53
C ALA B 364 15.09 9.51 16.95
N LYS B 365 15.61 9.36 18.16
CA LYS B 365 16.46 10.39 18.71
C LYS B 365 17.74 10.48 17.92
N ASP B 366 18.24 9.34 17.44
CA ASP B 366 19.48 9.34 16.69
C ASP B 366 19.37 8.52 15.40
N ASP B 367 18.14 8.25 14.98
CA ASP B 367 17.90 7.52 13.73
C ASP B 367 18.68 6.22 13.71
N SER B 368 18.53 5.42 14.77
CA SER B 368 19.22 4.13 14.86
C SER B 368 18.23 3.03 15.13
N ILE B 369 18.62 1.79 14.88
CA ILE B 369 17.76 0.65 15.19
C ILE B 369 18.37 -0.15 16.34
N ILE B 370 17.53 -0.79 17.13
CA ILE B 370 18.00 -1.60 18.25
C ILE B 370 17.48 -3.02 18.07
N LEU B 371 18.40 -3.97 18.19
CA LEU B 371 18.09 -5.33 17.77
C LEU B 371 18.43 -6.39 18.82
N SER B 372 17.65 -7.46 18.85
CA SER B 372 17.98 -8.56 19.71
C SER B 372 18.29 -9.77 18.87
N SER B 373 19.54 -10.19 18.91
CA SER B 373 19.95 -11.44 18.31
C SER B 373 19.90 -12.55 19.30
N ARG B 374 18.98 -13.48 19.09
CA ARG B 374 18.87 -14.63 19.97
C ARG B 374 20.22 -15.27 20.24
N HIS B 375 21.03 -15.41 19.20
CA HIS B 375 22.26 -16.16 19.31
C HIS B 375 23.49 -15.30 19.49
N GLN B 376 23.34 -14.03 19.83
CA GLN B 376 24.52 -13.20 19.99
C GLN B 376 24.37 -12.17 21.07
N GLY B 377 23.17 -11.61 21.18
CA GLY B 377 22.93 -10.57 22.14
C GLY B 377 22.09 -9.44 21.59
N VAL B 378 22.29 -8.25 22.13
CA VAL B 378 21.50 -7.08 21.76
C VAL B 378 22.36 -5.89 21.36
N VAL B 379 22.04 -5.27 20.23
CA VAL B 379 22.85 -4.17 19.70
C VAL B 379 22.04 -3.00 19.15
N LYS B 380 22.64 -1.83 19.20
CA LYS B 380 22.16 -0.66 18.47
C LYS B 380 23.07 -0.38 17.28
N ILE B 381 22.49 -0.35 16.09
CA ILE B 381 23.24 -0.07 14.88
C ILE B 381 22.76 1.25 14.26
N GLY B 382 23.69 2.09 13.84
CA GLY B 382 23.34 3.39 13.31
C GLY B 382 22.82 3.35 11.88
N ARG B 383 22.43 4.52 11.37
CA ARG B 383 22.10 4.66 9.96
C ARG B 383 23.35 4.42 9.15
N ASP B 384 24.48 4.86 9.70
CA ASP B 384 25.78 4.70 9.09
C ASP B 384 26.24 3.24 9.08
N LYS B 385 25.36 2.35 9.51
CA LYS B 385 25.62 0.91 9.61
C LYS B 385 26.80 0.63 10.51
N GLN B 386 27.07 1.56 11.41
CA GLN B 386 28.10 1.38 12.44
CA GLN B 386 28.10 1.38 12.44
C GLN B 386 27.48 0.89 13.75
N VAL B 387 28.06 -0.16 14.32
CA VAL B 387 27.61 -0.64 15.62
C VAL B 387 27.90 0.43 16.66
N LYS B 388 26.89 0.82 17.42
CA LYS B 388 27.07 1.92 18.36
C LYS B 388 27.21 1.42 19.80
N TRP B 389 26.56 0.30 20.12
CA TRP B 389 26.84 -0.42 21.37
C TRP B 389 26.31 -1.84 21.36
N ILE B 390 26.86 -2.65 22.25
CA ILE B 390 26.48 -4.05 22.37
C ILE B 390 26.19 -4.39 23.83
N LEU B 391 25.17 -5.21 24.03
CA LEU B 391 24.88 -5.74 25.35
C LEU B 391 24.91 -7.26 25.31
N ALA B 392 26.06 -7.81 25.68
CA ALA B 392 26.30 -9.25 25.67
C ALA B 392 27.47 -9.58 26.58
N PRO B 393 27.53 -10.83 27.08
CA PRO B 393 28.75 -11.26 27.75
C PRO B 393 29.96 -11.08 26.83
N SER B 394 31.10 -10.74 27.42
CA SER B 394 32.25 -10.33 26.64
C SER B 394 32.96 -11.45 25.92
N LYS B 395 32.52 -12.68 26.08
CA LYS B 395 33.20 -13.79 25.45
C LYS B 395 32.91 -13.88 23.95
N GLY B 396 33.96 -14.13 23.17
CA GLY B 396 33.81 -14.37 21.74
C GLY B 396 34.04 -13.14 20.89
N TRP B 397 33.69 -11.99 21.45
CA TRP B 397 33.78 -10.70 20.77
C TRP B 397 35.22 -10.28 20.47
N GLU B 398 35.55 -10.19 19.20
CA GLU B 398 36.85 -9.72 18.80
C GLU B 398 36.84 -8.21 18.74
N LYS B 399 37.98 -7.61 18.47
CA LYS B 399 38.05 -6.18 18.17
C LYS B 399 37.62 -6.02 16.72
N PRO B 400 36.94 -4.92 16.39
CA PRO B 400 36.59 -3.75 17.21
C PRO B 400 35.21 -3.84 17.83
N LEU B 401 34.47 -4.90 17.55
CA LEU B 401 33.13 -5.05 18.12
C LEU B 401 33.20 -5.09 19.64
N ALA B 402 34.29 -5.64 20.17
CA ALA B 402 34.51 -5.69 21.60
C ALA B 402 34.55 -4.27 22.18
N SER B 403 35.10 -3.33 21.43
CA SER B 403 35.17 -1.93 21.88
C SER B 403 33.80 -1.33 22.15
N LYS B 404 32.75 -1.99 21.63
CA LYS B 404 31.41 -1.43 21.66
C LYS B 404 30.55 -1.95 22.80
N LEU B 405 30.94 -3.09 23.37
CA LEU B 405 30.21 -3.69 24.50
C LEU B 405 29.98 -2.67 25.61
N LEU B 406 28.86 -2.79 26.30
CA LEU B 406 28.55 -1.88 27.40
C LEU B 406 29.16 -2.34 28.73
N LYS B 407 29.41 -1.38 29.60
CA LYS B 407 29.99 -1.68 30.89
C LYS B 407 28.93 -1.57 31.96
N PRO B 408 28.59 -2.68 32.59
CA PRO B 408 27.63 -2.64 33.69
C PRO B 408 28.14 -1.86 34.90
N VAL B 409 27.28 -1.05 35.48
CA VAL B 409 27.61 -0.31 36.70
C VAL B 409 26.45 -0.37 37.66
N ASP B 410 26.54 0.37 38.75
CA ASP B 410 25.51 0.37 39.78
C ASP B 410 24.77 1.70 39.85
N ALA B 411 23.90 1.83 40.86
CA ALA B 411 23.10 3.03 41.04
C ALA B 411 23.98 4.26 41.20
N ASN B 412 25.20 4.05 41.69
CA ASN B 412 26.17 5.12 41.85
C ASN B 412 27.20 5.11 40.72
N GLY B 413 26.90 4.36 39.67
CA GLY B 413 27.71 4.36 38.46
C GLY B 413 29.07 3.70 38.59
N LYS B 414 29.27 2.99 39.68
CA LYS B 414 30.53 2.29 39.86
C LYS B 414 30.44 0.96 39.16
N PRO B 415 31.51 0.55 38.47
CA PRO B 415 31.56 -0.68 37.70
C PRO B 415 31.12 -1.92 38.49
N ILE B 416 30.39 -2.81 37.81
CA ILE B 416 30.05 -4.11 38.35
C ILE B 416 30.97 -5.16 37.78
N THR B 417 31.60 -5.93 38.65
CA THR B 417 32.59 -6.90 38.19
C THR B 417 31.95 -8.18 37.68
N CYS B 418 32.07 -8.40 36.38
CA CYS B 418 31.53 -9.59 35.73
C CYS B 418 32.60 -10.32 34.93
N ASN B 419 32.35 -11.59 34.62
CA ASN B 419 33.28 -12.36 33.82
C ASN B 419 32.86 -12.47 32.36
N GLU B 420 33.69 -13.11 31.55
CA GLU B 420 33.41 -13.20 30.13
C GLU B 420 32.18 -14.04 29.85
N ASN B 421 31.61 -14.65 30.88
CA ASN B 421 30.43 -15.46 30.69
C ASN B 421 29.13 -14.78 31.15
N GLY B 422 29.24 -13.59 31.71
CA GLY B 422 28.06 -12.86 32.17
C GLY B 422 27.72 -12.96 33.65
N LEU B 423 28.39 -13.86 34.36
CA LEU B 423 28.15 -14.01 35.79
C LEU B 423 28.78 -12.83 36.53
N CYS B 424 27.95 -12.01 37.16
CA CYS B 424 28.43 -10.85 37.89
C CYS B 424 28.58 -11.11 39.36
N GLU B 425 29.39 -10.32 40.04
CA GLU B 425 29.61 -10.55 41.46
C GLU B 425 29.22 -9.36 42.34
N ASN B 426 28.49 -9.68 43.41
CA ASN B 426 28.05 -8.75 44.43
C ASN B 426 27.02 -7.74 43.95
N SER B 427 26.19 -8.17 43.01
CA SER B 427 24.99 -7.42 42.65
C SER B 427 24.07 -8.33 41.85
N ASP B 428 22.90 -7.82 41.49
CA ASP B 428 21.94 -8.64 40.77
C ASP B 428 21.96 -8.37 39.26
N PHE B 429 22.96 -7.63 38.79
CA PHE B 429 23.08 -7.39 37.36
C PHE B 429 23.35 -8.71 36.69
N ASP B 430 22.54 -9.01 35.67
CA ASP B 430 22.87 -10.09 34.75
C ASP B 430 22.52 -9.62 33.35
N PHE B 431 23.13 -10.24 32.36
CA PHE B 431 22.81 -9.93 30.98
C PHE B 431 21.61 -10.75 30.57
N THR B 432 21.35 -10.81 29.27
CA THR B 432 20.26 -11.59 28.75
C THR B 432 20.80 -12.68 27.85
N TYR B 433 20.06 -13.76 27.71
CA TYR B 433 20.53 -14.91 26.93
C TYR B 433 19.40 -15.48 26.10
N THR B 434 19.58 -15.51 24.79
CA THR B 434 18.52 -15.88 23.85
C THR B 434 17.27 -15.00 24.07
N GLN B 435 17.50 -13.71 24.21
CA GLN B 435 16.48 -12.79 24.65
C GLN B 435 15.52 -12.36 23.54
N ASN B 436 14.40 -11.77 23.92
CA ASN B 436 13.41 -11.25 22.97
C ASN B 436 12.93 -9.84 23.24
N THR B 437 12.27 -9.28 22.23
CA THR B 437 11.68 -7.96 22.28
C THR B 437 12.51 -6.94 23.06
N ALA B 438 13.76 -6.76 22.65
CA ALA B 438 14.52 -5.61 23.13
C ALA B 438 13.94 -4.34 22.54
N TRP B 439 12.98 -3.74 23.25
CA TRP B 439 12.32 -2.55 22.76
C TRP B 439 12.62 -1.36 23.64
N ILE B 440 12.20 -0.20 23.19
CA ILE B 440 12.37 1.02 23.96
C ILE B 440 11.06 1.35 24.66
N SER B 441 11.13 1.47 25.98
CA SER B 441 9.92 1.77 26.74
C SER B 441 9.62 3.24 26.62
N SER B 442 8.38 3.60 26.91
CA SER B 442 7.94 4.98 26.89
C SER B 442 8.68 5.81 27.92
N LYS B 443 9.35 5.12 28.85
CA LYS B 443 10.09 5.79 29.90
C LYS B 443 11.43 6.26 29.38
N GLY B 444 11.79 5.77 28.20
CA GLY B 444 13.08 6.08 27.63
C GLY B 444 14.13 5.06 27.99
N THR B 445 13.70 3.82 28.18
CA THR B 445 14.60 2.74 28.61
C THR B 445 14.41 1.47 27.78
N LEU B 446 15.38 0.57 27.87
CA LEU B 446 15.34 -0.65 27.09
C LEU B 446 14.74 -1.80 27.89
N THR B 447 13.67 -2.40 27.35
CA THR B 447 13.00 -3.52 28.00
C THR B 447 13.20 -4.81 27.19
N ILE B 448 13.42 -5.92 27.89
CA ILE B 448 13.80 -7.17 27.27
C ILE B 448 13.19 -8.40 27.92
N PHE B 449 12.64 -9.31 27.13
CA PHE B 449 12.33 -10.63 27.66
C PHE B 449 13.57 -11.50 27.62
N ASP B 450 14.03 -11.91 28.78
CA ASP B 450 15.24 -12.71 28.91
C ASP B 450 14.88 -14.18 28.99
N ASN B 451 14.80 -14.86 27.85
CA ASN B 451 14.28 -16.23 27.84
C ASN B 451 15.14 -17.09 28.72
N GLY B 452 16.45 -16.89 28.62
CA GLY B 452 17.40 -17.40 29.58
C GLY B 452 17.98 -18.76 29.28
N ASP B 453 17.72 -19.31 28.11
CA ASP B 453 18.40 -20.55 27.74
C ASP B 453 19.86 -20.20 27.55
N GLY B 454 20.73 -21.15 27.89
CA GLY B 454 22.16 -20.93 27.81
C GLY B 454 22.59 -19.72 28.63
N ARG B 455 21.97 -19.53 29.79
CA ARG B 455 22.35 -18.42 30.65
C ARG B 455 23.79 -18.60 31.10
N HIS B 456 24.54 -17.51 31.09
CA HIS B 456 25.93 -17.50 31.51
C HIS B 456 26.79 -18.41 30.64
N LEU B 457 26.27 -18.70 29.46
CA LEU B 457 26.97 -19.47 28.43
C LEU B 457 27.31 -20.87 28.91
N GLU B 458 26.31 -21.57 29.40
CA GLU B 458 26.43 -22.99 29.72
C GLU B 458 25.06 -23.57 29.92
N GLN B 459 24.95 -24.89 29.80
CA GLN B 459 23.75 -25.57 30.24
C GLN B 459 23.89 -25.78 31.76
N PRO B 460 22.76 -25.78 32.49
CA PRO B 460 22.83 -26.03 33.93
C PRO B 460 22.71 -27.52 34.21
N ALA B 461 22.96 -27.94 35.44
CA ALA B 461 22.95 -29.37 35.76
C ALA B 461 21.60 -29.99 35.47
N LEU B 462 20.53 -29.26 35.74
CA LEU B 462 19.21 -29.77 35.48
C LEU B 462 18.39 -28.73 34.76
N PRO B 463 17.62 -29.16 33.76
CA PRO B 463 16.70 -28.32 33.00
C PRO B 463 15.92 -27.36 33.88
N THR B 464 15.28 -27.93 34.90
CA THR B 464 14.37 -27.19 35.75
C THR B 464 15.03 -26.01 36.47
N MET B 465 16.34 -25.84 36.31
CA MET B 465 17.09 -24.78 36.97
C MET B 465 17.11 -23.49 36.17
N LYS B 466 16.61 -23.57 34.95
CA LYS B 466 16.54 -22.40 34.09
C LYS B 466 15.35 -21.54 34.49
N TYR B 467 15.44 -20.26 34.22
CA TYR B 467 14.36 -19.34 34.52
C TYR B 467 14.35 -18.17 33.53
N SER B 468 13.21 -17.49 33.40
CA SER B 468 13.11 -16.34 32.53
C SER B 468 12.93 -15.08 33.35
N ARG B 469 13.38 -13.93 32.83
CA ARG B 469 13.24 -12.65 33.51
C ARG B 469 12.54 -11.62 32.64
N PHE B 470 11.85 -10.69 33.27
CA PHE B 470 11.57 -9.41 32.67
C PHE B 470 12.76 -8.59 33.14
N VAL B 471 13.34 -7.75 32.30
CA VAL B 471 14.42 -6.93 32.79
C VAL B 471 14.48 -5.61 32.04
N GLU B 472 14.74 -4.53 32.77
CA GLU B 472 14.77 -3.20 32.20
C GLU B 472 16.16 -2.63 32.40
N TYR B 473 16.70 -1.95 31.39
CA TYR B 473 18.01 -1.33 31.51
C TYR B 473 18.01 0.15 31.22
N LYS B 474 19.04 0.82 31.72
CA LYS B 474 19.22 2.25 31.57
C LYS B 474 20.61 2.47 30.99
N ILE B 475 20.67 3.02 29.77
CA ILE B 475 21.95 3.08 29.08
C ILE B 475 22.46 4.49 28.83
N ASP B 476 23.67 4.74 29.34
CA ASP B 476 24.37 5.97 29.03
C ASP B 476 25.26 5.73 27.84
N GLU B 477 24.67 5.78 26.65
CA GLU B 477 25.39 5.54 25.41
C GLU B 477 26.69 6.32 25.33
N LYS B 478 26.69 7.50 25.94
CA LYS B 478 27.86 8.37 25.92
C LYS B 478 29.00 7.82 26.77
N LYS B 479 28.67 7.09 27.84
CA LYS B 479 29.70 6.50 28.67
C LYS B 479 29.92 5.03 28.32
N GLY B 480 28.87 4.38 27.83
CA GLY B 480 28.96 2.98 27.51
C GLY B 480 28.65 2.19 28.75
N THR B 481 27.94 2.83 29.67
CA THR B 481 27.52 2.18 30.88
C THR B 481 26.08 1.72 30.76
N VAL B 482 25.82 0.52 31.25
CA VAL B 482 24.49 -0.06 31.24
C VAL B 482 24.10 -0.37 32.68
N GLN B 483 22.84 -0.14 33.02
CA GLN B 483 22.38 -0.37 34.39
C GLN B 483 21.09 -1.17 34.41
N GLN B 484 21.08 -2.28 35.13
CA GLN B 484 19.84 -3.06 35.30
C GLN B 484 18.95 -2.41 36.34
N VAL B 485 17.76 -1.96 35.93
CA VAL B 485 16.92 -1.13 36.80
C VAL B 485 15.60 -1.77 37.23
N TRP B 486 15.34 -3.00 36.82
CA TRP B 486 14.10 -3.67 37.14
C TRP B 486 14.15 -5.05 36.59
N GLU B 487 13.75 -6.01 37.40
CA GLU B 487 13.66 -7.36 36.91
C GLU B 487 12.54 -8.06 37.61
N TYR B 488 11.98 -9.07 36.96
CA TYR B 488 10.95 -9.84 37.59
C TYR B 488 10.91 -11.20 36.96
N GLY B 489 10.83 -12.24 37.79
CA GLY B 489 10.52 -13.57 37.29
C GLY B 489 11.53 -14.64 37.61
N LYS B 490 12.74 -14.21 37.99
CA LYS B 490 13.75 -15.17 38.39
C LYS B 490 13.23 -16.10 39.47
N GLU B 491 12.46 -15.56 40.39
CA GLU B 491 12.05 -16.33 41.54
C GLU B 491 10.71 -17.02 41.33
N ARG B 492 10.44 -17.46 40.11
CA ARG B 492 9.17 -18.13 39.83
C ARG B 492 9.39 -19.50 39.21
N GLY B 493 10.61 -19.72 38.75
CA GLY B 493 11.07 -21.04 38.37
C GLY B 493 10.52 -21.58 37.08
N TYR B 494 10.66 -22.90 36.91
CA TYR B 494 10.33 -23.61 35.69
C TYR B 494 8.89 -23.41 35.23
N ASP B 495 8.04 -22.89 36.09
CA ASP B 495 6.67 -22.63 35.69
C ASP B 495 6.54 -21.23 35.11
N PHE B 496 7.65 -20.51 35.09
CA PHE B 496 7.69 -19.16 34.56
C PHE B 496 8.81 -19.08 33.54
N TYR B 497 9.29 -20.24 33.12
CA TYR B 497 10.38 -20.31 32.16
C TYR B 497 9.90 -20.57 30.74
N SER B 498 10.09 -19.57 29.89
CA SER B 498 9.88 -19.68 28.47
C SER B 498 11.22 -19.75 27.77
N PRO B 499 11.54 -20.92 27.23
CA PRO B 499 12.76 -21.06 26.44
C PRO B 499 12.74 -20.12 25.25
N ILE B 500 11.64 -20.12 24.51
CA ILE B 500 11.57 -19.39 23.27
C ILE B 500 10.47 -18.31 23.25
N THR B 501 10.43 -17.59 22.14
CA THR B 501 9.48 -16.51 21.86
C THR B 501 9.40 -15.50 22.99
N SER B 502 8.20 -14.98 23.21
CA SER B 502 7.83 -14.15 24.37
C SER B 502 8.16 -12.65 24.24
N ILE B 503 7.53 -11.85 25.10
CA ILE B 503 7.45 -10.40 25.01
C ILE B 503 7.33 -9.75 26.38
N ILE B 504 7.93 -8.57 26.58
CA ILE B 504 7.46 -7.64 27.60
C ILE B 504 7.38 -6.21 27.09
N GLU B 505 6.56 -5.40 27.75
CA GLU B 505 6.40 -4.00 27.39
C GLU B 505 5.85 -3.13 28.52
N TYR B 506 6.51 -2.01 28.77
CA TYR B 506 6.10 -1.10 29.84
C TYR B 506 4.81 -0.35 29.53
N GLN B 507 3.85 -0.45 30.45
CA GLN B 507 2.57 0.25 30.34
C GLN B 507 2.52 1.43 31.30
N ALA B 508 2.52 2.64 30.76
CA ALA B 508 2.59 3.85 31.57
C ALA B 508 1.25 4.30 32.12
N ASP B 509 0.16 3.83 31.52
CA ASP B 509 -1.16 4.25 31.96
C ASP B 509 -1.42 3.73 33.36
N ARG B 510 -1.07 2.48 33.59
CA ARG B 510 -1.31 1.86 34.88
C ARG B 510 -0.01 1.46 35.57
N ASN B 511 1.08 2.06 35.13
CA ASN B 511 2.41 1.78 35.66
C ASN B 511 2.63 0.29 35.92
N THR B 512 2.38 -0.52 34.92
CA THR B 512 2.61 -1.95 35.05
C THR B 512 3.72 -2.38 34.12
N MET B 513 4.04 -3.66 34.18
CA MET B 513 4.93 -4.28 33.20
C MET B 513 4.16 -5.40 32.56
N PHE B 514 3.87 -5.28 31.28
CA PHE B 514 3.12 -6.32 30.59
C PHE B 514 4.10 -7.36 30.10
N GLY B 515 3.67 -8.62 30.05
CA GLY B 515 4.54 -9.66 29.57
C GLY B 515 3.74 -10.82 29.04
N PHE B 516 4.39 -11.66 28.25
CA PHE B 516 3.77 -12.90 27.78
C PHE B 516 4.83 -13.94 27.59
N GLY B 517 4.80 -14.98 28.42
CA GLY B 517 5.69 -16.10 28.28
C GLY B 517 5.05 -17.11 27.37
N GLY B 518 5.72 -17.40 26.24
CA GLY B 518 5.09 -18.11 25.16
C GLY B 518 5.30 -19.61 25.08
N SER B 519 6.19 -20.15 25.91
CA SER B 519 6.57 -21.55 25.74
C SER B 519 6.73 -22.31 27.05
N ILE B 520 6.06 -21.82 28.09
CA ILE B 520 6.09 -22.46 29.39
C ILE B 520 5.69 -23.92 29.30
N HIS B 521 6.54 -24.77 29.86
CA HIS B 521 6.39 -26.23 29.86
C HIS B 521 6.39 -26.80 28.45
N LEU B 522 7.17 -26.19 27.56
CA LEU B 522 7.23 -26.65 26.18
C LEU B 522 7.69 -28.09 26.09
N PHE B 523 8.58 -28.47 27.00
CA PHE B 523 9.21 -29.78 26.95
C PHE B 523 8.40 -30.90 27.64
N ASP B 524 7.42 -30.53 28.44
CA ASP B 524 6.55 -31.52 29.03
C ASP B 524 5.81 -32.29 27.94
N VAL B 525 6.39 -33.37 27.46
CA VAL B 525 5.86 -34.06 26.30
C VAL B 525 4.47 -34.58 26.51
N GLY B 526 3.59 -34.22 25.59
CA GLY B 526 2.21 -34.69 25.62
C GLY B 526 1.31 -33.69 26.31
N GLN B 527 1.92 -32.61 26.79
CA GLN B 527 1.16 -31.60 27.49
C GLN B 527 1.06 -30.32 26.65
N PRO B 528 -0.11 -29.69 26.68
CA PRO B 528 -0.34 -28.41 25.99
C PRO B 528 0.71 -27.41 26.43
N THR B 529 1.03 -26.47 25.57
CA THR B 529 2.04 -25.49 25.91
C THR B 529 1.33 -24.27 26.46
N VAL B 530 1.97 -23.62 27.42
CA VAL B 530 1.34 -22.57 28.17
C VAL B 530 1.81 -21.19 27.75
N GLY B 531 0.86 -20.37 27.34
CA GLY B 531 1.11 -18.96 27.10
C GLY B 531 0.53 -18.17 28.24
N LYS B 532 1.40 -17.52 29.00
CA LYS B 532 0.97 -16.84 30.22
C LYS B 532 1.05 -15.34 30.09
N LEU B 533 -0.11 -14.70 30.18
CA LEU B 533 -0.21 -13.25 30.15
C LEU B 533 -0.07 -12.65 31.53
N ASN B 534 0.77 -11.63 31.65
CA ASN B 534 0.99 -10.96 32.92
C ASN B 534 1.04 -9.44 32.83
N GLU B 535 0.35 -8.77 33.74
CA GLU B 535 0.67 -7.37 34.04
C GLU B 535 1.21 -7.30 35.45
N ILE B 536 2.41 -6.77 35.58
CA ILE B 536 3.12 -6.74 36.85
C ILE B 536 3.26 -5.31 37.31
N ASP B 537 2.84 -5.02 38.53
CA ASP B 537 2.99 -3.66 39.02
C ASP B 537 4.47 -3.32 39.05
N TYR B 538 4.80 -2.16 38.48
CA TYR B 538 6.19 -1.74 38.35
C TYR B 538 6.75 -1.26 39.69
N LYS B 539 5.85 -0.84 40.57
CA LYS B 539 6.20 -0.28 41.85
C LYS B 539 6.26 -1.35 42.95
N THR B 540 5.40 -2.36 42.86
CA THR B 540 5.31 -3.35 43.91
C THR B 540 5.64 -4.78 43.52
N LYS B 541 5.71 -5.03 42.21
CA LYS B 541 5.86 -6.38 41.64
C LYS B 541 4.63 -7.25 41.91
N GLU B 542 3.55 -6.62 42.35
CA GLU B 542 2.31 -7.37 42.58
C GLU B 542 1.71 -7.82 41.26
N VAL B 543 1.27 -9.08 41.23
CA VAL B 543 0.57 -9.61 40.09
C VAL B 543 -0.80 -8.99 39.99
N LYS B 544 -1.01 -8.19 38.94
CA LYS B 544 -2.29 -7.55 38.73
C LYS B 544 -3.16 -8.37 37.82
N VAL B 545 -2.53 -8.93 36.79
CA VAL B 545 -3.23 -9.79 35.85
C VAL B 545 -2.39 -11.00 35.56
N GLU B 546 -3.00 -12.17 35.60
CA GLU B 546 -2.37 -13.39 35.18
C GLU B 546 -3.40 -14.25 34.47
N ILE B 547 -3.14 -14.56 33.20
CA ILE B 547 -4.05 -15.36 32.41
C ILE B 547 -3.24 -16.33 31.62
N ASP B 548 -3.73 -17.55 31.47
CA ASP B 548 -2.98 -18.59 30.82
C ASP B 548 -3.70 -19.06 29.58
N VAL B 549 -2.95 -19.21 28.50
CA VAL B 549 -3.49 -19.82 27.31
C VAL B 549 -2.84 -21.16 27.08
N LEU B 550 -3.64 -22.17 26.80
CA LEU B 550 -3.10 -23.50 26.57
C LEU B 550 -3.20 -23.87 25.09
N SER B 551 -2.08 -24.35 24.53
CA SER B 551 -2.05 -24.75 23.13
C SER B 551 -3.06 -25.84 22.89
N ASP B 552 -3.54 -25.95 21.65
CA ASP B 552 -4.61 -26.88 21.32
C ASP B 552 -4.02 -28.22 20.89
N LYS B 553 -2.72 -28.20 20.66
CA LYS B 553 -1.95 -29.42 20.46
C LYS B 553 -0.81 -29.37 21.46
N PRO B 554 -0.32 -30.54 21.85
CA PRO B 554 0.79 -30.60 22.81
C PRO B 554 2.07 -30.01 22.23
N ASN B 555 2.85 -29.38 23.11
CA ASN B 555 4.20 -28.90 22.79
C ASN B 555 4.23 -28.03 21.54
N GLN B 556 3.43 -26.97 21.57
CA GLN B 556 3.15 -26.14 20.42
C GLN B 556 3.27 -24.71 20.89
N THR B 557 4.44 -24.11 20.71
CA THR B 557 4.73 -22.84 21.38
C THR B 557 3.85 -21.72 20.87
N HIS B 558 3.72 -20.71 21.70
CA HIS B 558 3.04 -19.50 21.32
C HIS B 558 4.13 -18.55 20.90
N TYR B 559 3.78 -17.47 20.21
CA TYR B 559 4.77 -16.47 19.85
C TYR B 559 4.68 -15.22 20.72
N ARG B 560 3.68 -14.40 20.47
CA ARG B 560 3.51 -13.18 21.26
C ARG B 560 2.06 -12.84 21.57
N ALA B 561 1.91 -11.76 22.34
CA ALA B 561 0.63 -11.14 22.58
C ALA B 561 0.84 -9.65 22.78
N LEU B 562 -0.23 -8.87 22.59
CA LEU B 562 -0.21 -7.43 22.79
C LEU B 562 -1.33 -6.98 23.72
N LEU B 563 -1.07 -5.89 24.43
CA LEU B 563 -2.08 -5.22 25.20
C LEU B 563 -2.73 -4.19 24.29
N VAL B 564 -3.95 -4.49 23.83
CA VAL B 564 -4.64 -3.62 22.88
C VAL B 564 -5.65 -2.69 23.56
N ARG B 565 -5.99 -1.58 22.90
CA ARG B 565 -6.82 -0.54 23.49
C ARG B 565 -7.83 0.02 22.49
N PRO B 566 -9.09 -0.42 22.58
CA PRO B 566 -10.22 -0.05 21.71
C PRO B 566 -10.39 1.44 21.47
N GLN B 567 -9.98 2.27 22.42
CA GLN B 567 -10.04 3.72 22.26
C GLN B 567 -9.16 4.20 21.10
N GLN B 568 -8.32 3.30 20.59
CA GLN B 568 -7.34 3.63 19.57
C GLN B 568 -7.56 2.88 18.28
N MET B 569 -8.44 1.89 18.29
CA MET B 569 -8.56 1.00 17.16
C MET B 569 -9.20 1.68 15.97
N PHE B 570 -10.03 2.68 16.25
CA PHE B 570 -10.80 3.30 15.19
C PHE B 570 -10.57 4.79 15.20
N LYS B 571 -9.45 5.20 14.62
CA LYS B 571 -9.08 6.59 14.47
C LYS B 571 -10.22 7.36 13.82
S1 MPO C . -14.68 13.34 -20.98
O1 MPO C . -14.87 14.10 -19.69
O2 MPO C . -13.78 14.04 -21.92
O4 MPO C . -15.68 6.89 -23.52
N1 MPO C . -14.89 8.96 -21.80
C1 MPO C . -14.09 11.65 -20.59
O3 MPO C . -15.98 13.21 -21.82
C2 MPO C . -13.91 11.02 -21.94
C3 MPO C . -15.11 10.24 -22.39
C4 MPO C . -16.12 8.30 -21.62
C5 MPO C . -16.66 7.69 -22.89
C6 MPO C . -14.49 7.62 -23.77
C7 MPO C . -13.90 8.23 -22.52
S SO4 D . -16.69 13.34 15.27
O1 SO4 D . -15.28 13.71 15.20
O2 SO4 D . -17.39 14.35 16.03
O3 SO4 D . -17.25 13.28 13.93
O4 SO4 D . -16.83 12.04 15.93
S1 MPO E . 13.50 -16.97 20.62
O1 MPO E . 14.65 -17.37 21.54
O2 MPO E . 13.81 -15.84 19.68
O4 MPO E . 9.52 -21.85 17.05
N1 MPO E . 11.11 -19.55 16.99
C1 MPO E . 13.01 -18.43 19.63
O3 MPO E . 12.35 -16.32 21.42
C2 MPO E . 12.36 -18.02 18.32
C3 MPO E . 11.07 -18.78 18.18
C4 MPO E . 11.71 -20.82 17.23
C5 MPO E . 10.76 -21.86 17.76
C6 MPO E . 8.90 -20.58 17.12
C7 MPO E . 9.78 -19.55 16.46
#